data_7UGK
#
_entry.id   7UGK
#
_cell.length_a   42.689
_cell.length_b   137.513
_cell.length_c   52.804
_cell.angle_alpha   90.000
_cell.angle_beta   90.480
_cell.angle_gamma   90.000
#
_symmetry.space_group_name_H-M   'P 1 21 1'
#
loop_
_entity.id
_entity.type
_entity.pdbx_description
1 polymer 'Queuosine salvage protein DUF2419'
2 non-polymer 2-[BIS-(2-HYDROXY-ETHYL)-AMINO]-2-HYDROXYMETHYL-PROPANE-1,3-DIOL
3 water water
#
_entity_poly.entity_id   1
_entity_poly.type   'polypeptide(L)'
_entity_poly.pdbx_seq_one_letter_code
;GSHMDGLLNPRESSKFIAENSRDVFIDSGGVRRVAELLLAKAAGPELRVEGWKALHELNPRAADEAAVNWVFVTDTLNFS
FWSEQDEHKCVVRYRGKTYSGYWSLCAAVNRALDEGIPITSASYYATVTLDQVRNILRSDTDVSMPLVEERHRILNETGK
ILLEKFGGSFLNCVRESENSAQKLMHLVVESFPSYRDVTLFEGKRVSFYKRAQILVADTWSVLEGKGDGCFKDISSITMF
ADYRLPQVLAHLGALKYSDDLLKKLLKGEMLSYGDRQEVEIRGCSLWCVELIRDCLLELIEQKGEKPNGEINSILLDYYL
WDYAHDHREDMKGIPFHRIRCIYY
;
_entity_poly.pdbx_strand_id   A,B
#
loop_
_chem_comp.id
_chem_comp.type
_chem_comp.name
_chem_comp.formula
BTB non-polymer 2-[BIS-(2-HYDROXY-ETHYL)-AMINO]-2-HYDROXYMETHYL-PROPANE-1,3-DIOL 'C8 H19 N O5'
#
# COMPACT_ATOMS: atom_id res chain seq x y z
N GLY A 6 -10.84 -13.54 6.51
CA GLY A 6 -9.96 -12.43 6.02
C GLY A 6 -10.75 -11.31 5.37
N LEU A 7 -11.36 -11.57 4.21
CA LEU A 7 -11.65 -10.52 3.18
C LEU A 7 -13.12 -10.06 3.16
N LEU A 8 -13.35 -8.77 3.44
CA LEU A 8 -14.67 -8.10 3.27
C LEU A 8 -14.88 -7.80 1.78
N ASN A 9 -16.12 -7.86 1.30
CA ASN A 9 -16.46 -7.49 -0.09
C ASN A 9 -16.40 -5.96 -0.21
N PRO A 10 -16.36 -5.39 -1.44
CA PRO A 10 -16.24 -3.94 -1.59
C PRO A 10 -17.31 -3.13 -0.85
N ARG A 11 -18.58 -3.54 -0.91
CA ARG A 11 -19.67 -2.82 -0.19
C ARG A 11 -19.39 -2.83 1.32
N GLU A 12 -19.11 -4.00 1.91
CA GLU A 12 -18.86 -4.14 3.38
C GLU A 12 -17.60 -3.37 3.77
N SER A 13 -16.54 -3.49 2.96
CA SER A 13 -15.25 -2.75 3.12
C SER A 13 -15.52 -1.25 3.25
N SER A 14 -16.33 -0.70 2.33
N SER A 14 -16.34 -0.69 2.36
CA SER A 14 -16.60 0.76 2.23
CA SER A 14 -16.53 0.78 2.27
C SER A 14 -17.37 1.24 3.47
C SER A 14 -17.36 1.30 3.46
N LYS A 15 -18.39 0.50 3.91
N LYS A 15 -18.33 0.51 3.93
CA LYS A 15 -19.16 0.85 5.14
CA LYS A 15 -19.13 0.88 5.11
C LYS A 15 -18.18 0.93 6.32
C LYS A 15 -18.20 0.92 6.32
N PHE A 16 -17.34 -0.10 6.46
CA PHE A 16 -16.36 -0.22 7.57
C PHE A 16 -15.39 0.97 7.51
N ILE A 17 -14.92 1.29 6.30
CA ILE A 17 -13.95 2.41 6.11
C ILE A 17 -14.63 3.73 6.47
N ALA A 18 -15.82 3.98 5.92
CA ALA A 18 -16.54 5.26 6.07
C ALA A 18 -16.84 5.51 7.56
N GLU A 19 -17.20 4.46 8.30
CA GLU A 19 -17.56 4.52 9.73
C GLU A 19 -16.32 4.77 10.61
N ASN A 20 -15.12 4.50 10.09
CA ASN A 20 -13.87 4.63 10.88
C ASN A 20 -12.88 5.62 10.25
N SER A 21 -13.36 6.53 9.40
N SER A 21 -13.33 6.46 9.32
CA SER A 21 -12.55 7.47 8.60
CA SER A 21 -12.42 7.40 8.62
C SER A 21 -12.13 8.71 9.42
C SER A 21 -12.09 8.57 9.53
N ARG A 22 -10.84 9.05 9.43
CA ARG A 22 -10.32 10.21 10.21
C ARG A 22 -10.27 11.47 9.34
N ASP A 23 -10.08 11.35 8.02
CA ASP A 23 -9.70 12.49 7.14
C ASP A 23 -10.72 12.71 6.00
N VAL A 24 -11.73 11.85 5.86
CA VAL A 24 -12.75 11.96 4.79
C VAL A 24 -14.12 11.75 5.41
N PHE A 25 -15.06 12.64 5.07
CA PHE A 25 -16.42 12.64 5.69
C PHE A 25 -17.47 12.67 4.58
N ILE A 26 -18.55 11.94 4.79
CA ILE A 26 -19.71 11.95 3.86
C ILE A 26 -20.72 12.94 4.43
N ASP A 27 -21.11 13.92 3.61
CA ASP A 27 -22.01 15.02 3.99
C ASP A 27 -23.43 14.67 3.51
N SER A 28 -24.36 14.48 4.45
N SER A 28 -24.36 14.49 4.45
CA SER A 28 -25.74 14.05 4.15
CA SER A 28 -25.75 14.06 4.16
C SER A 28 -26.42 15.06 3.20
C SER A 28 -26.44 15.06 3.21
N GLY A 29 -26.20 16.36 3.41
CA GLY A 29 -26.71 17.44 2.53
C GLY A 29 -26.26 17.26 1.09
N GLY A 30 -24.97 16.98 0.90
CA GLY A 30 -24.38 16.74 -0.44
C GLY A 30 -24.92 15.48 -1.09
N VAL A 31 -25.13 14.43 -0.29
CA VAL A 31 -25.71 13.14 -0.79
C VAL A 31 -27.09 13.45 -1.37
N ARG A 32 -27.91 14.19 -0.62
CA ARG A 32 -29.24 14.67 -1.08
C ARG A 32 -29.09 15.50 -2.37
N ARG A 33 -28.13 16.42 -2.42
CA ARG A 33 -27.93 17.34 -3.58
C ARG A 33 -27.68 16.49 -4.84
N VAL A 34 -26.75 15.56 -4.75
CA VAL A 34 -26.37 14.73 -5.93
C VAL A 34 -27.59 13.92 -6.35
N ALA A 35 -28.33 13.34 -5.39
CA ALA A 35 -29.54 12.52 -5.67
C ALA A 35 -30.56 13.36 -6.42
N GLU A 36 -30.70 14.65 -6.06
CA GLU A 36 -31.73 15.52 -6.69
C GLU A 36 -31.26 15.86 -8.11
N LEU A 37 -29.95 16.04 -8.30
CA LEU A 37 -29.35 16.30 -9.63
C LEU A 37 -29.59 15.08 -10.54
N LEU A 38 -29.34 13.87 -10.04
CA LEU A 38 -29.53 12.61 -10.80
C LEU A 38 -31.01 12.43 -11.13
N LEU A 39 -31.91 12.81 -10.24
CA LEU A 39 -33.37 12.58 -10.43
C LEU A 39 -33.85 13.32 -11.68
N ALA A 40 -33.36 14.54 -11.89
CA ALA A 40 -33.74 15.38 -13.06
C ALA A 40 -33.26 14.72 -14.35
N LYS A 41 -32.19 13.90 -14.30
CA LYS A 41 -31.59 13.23 -15.48
C LYS A 41 -32.08 11.78 -15.60
N ALA A 42 -32.95 11.30 -14.72
CA ALA A 42 -33.23 9.85 -14.56
C ALA A 42 -33.94 9.26 -15.80
N ALA A 43 -34.58 10.07 -16.64
CA ALA A 43 -35.29 9.59 -17.85
C ALA A 43 -34.36 9.67 -19.07
N GLY A 44 -33.17 10.24 -18.89
CA GLY A 44 -32.24 10.50 -20.00
C GLY A 44 -31.36 9.30 -20.32
N PRO A 45 -30.66 9.31 -21.47
CA PRO A 45 -29.77 8.21 -21.86
C PRO A 45 -28.58 8.10 -20.90
N GLU A 46 -28.26 9.18 -20.18
CA GLU A 46 -27.14 9.23 -19.22
C GLU A 46 -27.36 8.29 -18.02
N LEU A 47 -28.60 7.85 -17.71
CA LEU A 47 -28.85 6.91 -16.56
C LEU A 47 -29.55 5.63 -17.03
N ARG A 48 -29.26 5.21 -18.27
CA ARG A 48 -29.74 3.92 -18.82
C ARG A 48 -28.56 3.16 -19.39
N VAL A 49 -28.69 1.85 -19.48
CA VAL A 49 -27.58 0.98 -20.00
C VAL A 49 -27.22 1.40 -21.43
N GLU A 50 -28.19 1.88 -22.22
CA GLU A 50 -27.96 2.25 -23.64
C GLU A 50 -26.96 3.41 -23.74
N GLY A 51 -26.88 4.28 -22.72
CA GLY A 51 -25.98 5.46 -22.74
C GLY A 51 -24.52 5.08 -22.94
N TRP A 52 -24.11 3.90 -22.47
CA TRP A 52 -22.70 3.44 -22.55
C TRP A 52 -22.27 3.45 -24.03
N LYS A 53 -23.15 3.00 -24.94
CA LYS A 53 -22.88 3.09 -26.40
C LYS A 53 -23.32 4.44 -26.95
N ALA A 54 -24.52 4.90 -26.61
CA ALA A 54 -25.18 6.04 -27.29
C ALA A 54 -24.39 7.34 -27.05
N LEU A 55 -23.69 7.47 -25.93
CA LEU A 55 -23.03 8.76 -25.56
C LEU A 55 -21.51 8.74 -25.81
N HIS A 56 -20.93 7.61 -26.21
CA HIS A 56 -19.45 7.47 -26.32
C HIS A 56 -19.10 6.77 -27.64
N GLU A 57 -18.68 7.54 -28.65
CA GLU A 57 -18.48 7.05 -30.05
C GLU A 57 -17.32 6.03 -30.09
N LEU A 58 -16.39 6.06 -29.14
CA LEU A 58 -15.24 5.11 -29.19
C LEU A 58 -15.66 3.71 -28.74
N ASN A 59 -16.77 3.59 -28.00
CA ASN A 59 -17.24 2.29 -27.46
C ASN A 59 -17.75 1.44 -28.60
N PRO A 60 -17.52 0.10 -28.58
CA PRO A 60 -18.06 -0.80 -29.59
C PRO A 60 -19.58 -0.67 -29.79
N ARG A 61 -19.98 -0.70 -31.06
CA ARG A 61 -21.41 -0.72 -31.47
C ARG A 61 -21.97 -2.13 -31.25
N ALA A 62 -21.19 -3.16 -31.60
CA ALA A 62 -21.62 -4.58 -31.67
C ALA A 62 -21.78 -5.15 -30.24
N ALA A 63 -22.56 -6.22 -30.12
CA ALA A 63 -22.70 -7.03 -28.90
C ALA A 63 -22.22 -8.45 -29.21
N ASP A 64 -20.99 -8.54 -29.71
CA ASP A 64 -20.40 -9.80 -30.21
C ASP A 64 -19.12 -10.10 -29.43
N GLU A 65 -18.51 -11.23 -29.75
CA GLU A 65 -17.30 -11.71 -29.07
C GLU A 65 -16.18 -10.67 -29.21
N ALA A 66 -16.00 -10.09 -30.40
CA ALA A 66 -15.01 -9.04 -30.65
C ALA A 66 -15.19 -7.91 -29.64
N ALA A 67 -16.43 -7.45 -29.46
CA ALA A 67 -16.73 -6.28 -28.59
C ALA A 67 -16.43 -6.66 -27.14
N VAL A 68 -16.71 -7.91 -26.74
CA VAL A 68 -16.51 -8.38 -25.34
C VAL A 68 -15.00 -8.39 -25.06
N ASN A 69 -14.21 -8.81 -26.03
CA ASN A 69 -12.73 -8.82 -25.90
C ASN A 69 -12.18 -7.38 -25.90
N TRP A 70 -12.81 -6.45 -26.59
CA TRP A 70 -12.40 -5.02 -26.57
C TRP A 70 -12.57 -4.47 -25.15
N VAL A 71 -13.72 -4.77 -24.53
CA VAL A 71 -13.97 -4.39 -23.12
C VAL A 71 -12.93 -5.06 -22.21
N PHE A 72 -12.59 -6.31 -22.47
CA PHE A 72 -11.57 -7.01 -21.63
C PHE A 72 -10.25 -6.23 -21.68
N VAL A 73 -9.80 -5.87 -22.87
CA VAL A 73 -8.44 -5.26 -23.02
C VAL A 73 -8.45 -3.84 -22.42
N THR A 74 -9.48 -3.04 -22.70
CA THR A 74 -9.55 -1.63 -22.19
C THR A 74 -9.64 -1.66 -20.66
N ASP A 75 -10.38 -2.60 -20.05
CA ASP A 75 -10.52 -2.58 -18.57
C ASP A 75 -9.29 -3.19 -17.90
N THR A 76 -8.59 -4.09 -18.59
CA THR A 76 -7.29 -4.66 -18.14
C THR A 76 -6.27 -3.51 -18.01
N LEU A 77 -6.39 -2.48 -18.84
CA LEU A 77 -5.45 -1.33 -18.84
C LEU A 77 -6.13 -0.06 -18.29
N ASN A 78 -7.26 -0.19 -17.59
CA ASN A 78 -8.04 0.98 -17.14
C ASN A 78 -7.48 1.50 -15.81
N PHE A 79 -6.34 2.19 -15.87
CA PHE A 79 -5.66 2.74 -14.66
C PHE A 79 -4.73 3.90 -15.06
N SER A 80 -4.69 4.92 -14.21
CA SER A 80 -3.60 5.93 -14.08
C SER A 80 -3.35 6.69 -15.39
N PHE A 81 -4.31 7.53 -15.81
CA PHE A 81 -4.19 8.33 -17.05
C PHE A 81 -3.89 9.80 -16.76
N TRP A 82 -3.86 10.20 -15.50
CA TRP A 82 -3.64 11.63 -15.18
C TRP A 82 -2.20 12.02 -15.51
N SER A 83 -2.04 13.28 -15.92
CA SER A 83 -0.72 13.94 -16.08
C SER A 83 -0.56 15.07 -15.04
N GLU A 84 0.68 15.51 -14.81
CA GLU A 84 1.05 16.47 -13.73
C GLU A 84 0.50 17.87 -14.05
N GLN A 85 0.45 18.23 -15.33
CA GLN A 85 -0.15 19.50 -15.84
C GLN A 85 -1.09 19.18 -16.99
N ASP A 86 -2.11 20.02 -17.19
CA ASP A 86 -3.18 19.84 -18.21
C ASP A 86 -2.67 20.26 -19.59
N GLU A 87 -1.65 21.11 -19.66
CA GLU A 87 -1.04 21.62 -20.91
C GLU A 87 -0.12 20.56 -21.52
N HIS A 88 0.25 19.55 -20.72
CA HIS A 88 1.38 18.62 -20.98
C HIS A 88 0.87 17.19 -20.78
N LYS A 89 0.21 16.61 -21.78
CA LYS A 89 -0.48 15.32 -21.56
C LYS A 89 -0.55 14.50 -22.85
N CYS A 90 -0.74 13.20 -22.67
N CYS A 90 -0.75 13.20 -22.66
CA CYS A 90 -0.99 12.22 -23.74
CA CYS A 90 -0.98 12.21 -23.74
C CYS A 90 -2.28 12.60 -24.46
C CYS A 90 -2.29 12.54 -24.46
N VAL A 91 -2.22 12.69 -25.79
CA VAL A 91 -3.42 12.87 -26.65
C VAL A 91 -3.30 11.87 -27.78
N VAL A 92 -4.40 11.20 -28.11
CA VAL A 92 -4.45 10.25 -29.25
C VAL A 92 -5.57 10.69 -30.19
N ARG A 93 -5.22 10.87 -31.46
CA ARG A 93 -6.20 11.23 -32.50
C ARG A 93 -6.76 9.94 -33.13
N TYR A 94 -8.08 9.89 -33.28
CA TYR A 94 -8.78 8.77 -33.96
C TYR A 94 -9.93 9.33 -34.77
N ARG A 95 -9.93 9.02 -36.06
CA ARG A 95 -10.98 9.46 -37.03
C ARG A 95 -11.23 10.97 -36.85
N GLY A 96 -10.14 11.75 -36.81
CA GLY A 96 -10.16 13.22 -36.85
C GLY A 96 -10.69 13.87 -35.59
N LYS A 97 -10.80 13.10 -34.50
CA LYS A 97 -11.13 13.61 -33.15
C LYS A 97 -9.97 13.33 -32.21
N THR A 98 -9.84 14.17 -31.18
CA THR A 98 -8.70 14.19 -30.22
C THR A 98 -9.19 13.70 -28.85
N TYR A 99 -8.45 12.78 -28.20
CA TYR A 99 -8.86 12.15 -26.92
C TYR A 99 -7.70 12.16 -25.93
N SER A 100 -8.02 12.40 -24.66
CA SER A 100 -7.05 12.39 -23.54
C SER A 100 -7.57 11.46 -22.45
N GLY A 101 -6.73 11.20 -21.47
CA GLY A 101 -7.08 10.34 -20.31
C GLY A 101 -7.52 8.96 -20.77
N TYR A 102 -8.51 8.37 -20.09
CA TYR A 102 -8.97 6.99 -20.41
C TYR A 102 -9.33 6.89 -21.90
N TRP A 103 -9.96 7.93 -22.45
CA TRP A 103 -10.43 7.87 -23.86
C TRP A 103 -9.25 7.76 -24.83
N SER A 104 -8.05 8.24 -24.46
CA SER A 104 -6.85 8.11 -25.33
C SER A 104 -6.47 6.63 -25.46
N LEU A 105 -6.69 5.83 -24.42
CA LEU A 105 -6.44 4.38 -24.48
C LEU A 105 -7.43 3.76 -25.50
N CYS A 106 -8.72 4.11 -25.41
CA CYS A 106 -9.74 3.52 -26.30
C CYS A 106 -9.42 3.92 -27.74
N ALA A 107 -9.02 5.17 -27.93
CA ALA A 107 -8.66 5.72 -29.25
C ALA A 107 -7.49 4.90 -29.80
N ALA A 108 -6.49 4.63 -28.96
CA ALA A 108 -5.27 3.90 -29.39
C ALA A 108 -5.64 2.46 -29.77
N VAL A 109 -6.56 1.83 -29.01
CA VAL A 109 -7.04 0.45 -29.34
C VAL A 109 -7.76 0.49 -30.72
N ASN A 110 -8.64 1.46 -30.93
CA ASN A 110 -9.43 1.51 -32.18
C ASN A 110 -8.49 1.79 -33.36
N ARG A 111 -7.49 2.65 -33.14
CA ARG A 111 -6.46 3.01 -34.16
C ARG A 111 -5.73 1.74 -34.58
N ALA A 112 -5.31 0.93 -33.62
CA ALA A 112 -4.60 -0.35 -33.86
C ALA A 112 -5.52 -1.29 -34.65
N LEU A 113 -6.76 -1.50 -34.21
CA LEU A 113 -7.70 -2.44 -34.89
C LEU A 113 -7.91 -1.99 -36.34
N ASP A 114 -8.07 -0.68 -36.56
CA ASP A 114 -8.29 -0.13 -37.93
C ASP A 114 -7.04 -0.33 -38.79
N GLU A 115 -5.87 -0.44 -38.19
CA GLU A 115 -4.59 -0.68 -38.91
C GLU A 115 -4.46 -2.18 -39.21
N GLY A 116 -5.34 -3.00 -38.61
CA GLY A 116 -5.34 -4.47 -38.71
C GLY A 116 -4.44 -5.14 -37.68
N ILE A 117 -4.03 -4.43 -36.63
CA ILE A 117 -3.26 -5.04 -35.51
C ILE A 117 -4.27 -5.68 -34.56
N PRO A 118 -4.21 -7.00 -34.31
CA PRO A 118 -5.24 -7.67 -33.49
C PRO A 118 -4.99 -7.48 -31.98
N ILE A 119 -4.99 -6.21 -31.54
CA ILE A 119 -4.60 -5.82 -30.16
C ILE A 119 -5.64 -6.33 -29.15
N THR A 120 -6.85 -6.71 -29.58
CA THR A 120 -7.86 -7.26 -28.63
C THR A 120 -7.82 -8.79 -28.62
N SER A 121 -6.86 -9.42 -29.31
CA SER A 121 -6.71 -10.89 -29.35
C SER A 121 -5.57 -11.32 -28.40
N ALA A 122 -5.84 -12.21 -27.44
CA ALA A 122 -4.83 -12.69 -26.47
C ALA A 122 -3.70 -13.41 -27.22
N SER A 123 -4.00 -14.08 -28.33
CA SER A 123 -2.96 -14.69 -29.19
C SER A 123 -1.90 -13.65 -29.59
N TYR A 124 -2.27 -12.37 -29.64
CA TYR A 124 -1.35 -11.26 -29.97
C TYR A 124 -0.77 -10.67 -28.68
N TYR A 125 -1.62 -10.23 -27.74
CA TYR A 125 -1.13 -9.39 -26.60
C TYR A 125 -0.46 -10.25 -25.52
N ALA A 126 -0.58 -11.58 -25.55
CA ALA A 126 0.16 -12.45 -24.62
C ALA A 126 1.68 -12.26 -24.78
N THR A 127 2.13 -11.95 -26.00
CA THR A 127 3.59 -11.92 -26.33
C THR A 127 3.98 -10.58 -26.97
N VAL A 128 3.10 -9.58 -26.95
CA VAL A 128 3.43 -8.24 -27.51
C VAL A 128 4.63 -7.70 -26.70
N THR A 129 5.61 -7.10 -27.38
CA THR A 129 6.83 -6.57 -26.73
C THR A 129 6.59 -5.16 -26.19
N LEU A 130 7.48 -4.68 -25.35
CA LEU A 130 7.40 -3.29 -24.84
C LEU A 130 7.48 -2.31 -26.01
N ASP A 131 8.34 -2.58 -27.00
N ASP A 131 8.31 -2.57 -27.02
CA ASP A 131 8.48 -1.72 -28.21
CA ASP A 131 8.46 -1.62 -28.17
C ASP A 131 7.12 -1.62 -28.91
C ASP A 131 7.14 -1.62 -28.98
N GLN A 132 6.47 -2.77 -29.12
CA GLN A 132 5.19 -2.83 -29.83
C GLN A 132 4.15 -2.02 -29.06
N VAL A 133 4.09 -2.16 -27.72
CA VAL A 133 3.09 -1.48 -26.86
C VAL A 133 3.33 0.03 -26.90
N ARG A 134 4.58 0.47 -26.79
CA ARG A 134 4.91 1.91 -26.94
C ARG A 134 4.36 2.44 -28.26
N ASN A 135 4.50 1.69 -29.35
CA ASN A 135 4.03 2.14 -30.68
C ASN A 135 2.51 2.20 -30.67
N ILE A 136 1.86 1.15 -30.16
CA ILE A 136 0.37 1.05 -30.19
C ILE A 136 -0.24 2.20 -29.37
N LEU A 137 0.37 2.51 -28.22
CA LEU A 137 -0.15 3.56 -27.29
C LEU A 137 0.48 4.91 -27.63
N ARG A 138 1.12 5.07 -28.79
CA ARG A 138 1.94 6.29 -29.05
C ARG A 138 1.04 7.52 -28.96
N SER A 139 1.54 8.56 -28.29
CA SER A 139 0.87 9.86 -28.15
C SER A 139 1.08 10.72 -29.41
N ASP A 140 0.12 11.58 -29.72
CA ASP A 140 0.25 12.55 -30.82
C ASP A 140 0.84 13.84 -30.24
N THR A 141 1.17 13.85 -28.94
CA THR A 141 1.95 14.94 -28.29
C THR A 141 3.33 14.41 -27.90
N ASP A 142 4.16 15.26 -27.30
CA ASP A 142 5.52 14.89 -26.80
C ASP A 142 5.40 14.10 -25.48
N VAL A 143 4.20 13.94 -24.91
CA VAL A 143 4.02 13.34 -23.55
C VAL A 143 3.41 11.95 -23.70
N SER A 144 4.07 10.91 -23.17
CA SER A 144 3.62 9.51 -23.29
C SER A 144 2.48 9.24 -22.29
N MET A 145 1.67 8.25 -22.58
CA MET A 145 0.70 7.69 -21.63
C MET A 145 1.48 7.25 -20.40
N PRO A 146 0.97 7.45 -19.17
CA PRO A 146 1.68 6.97 -17.98
C PRO A 146 1.74 5.43 -17.90
N LEU A 147 2.80 4.91 -17.31
CA LEU A 147 2.95 3.48 -16.88
C LEU A 147 2.85 2.54 -18.09
N VAL A 148 3.43 2.89 -19.23
CA VAL A 148 3.42 1.99 -20.42
C VAL A 148 4.14 0.67 -20.10
N GLU A 149 5.23 0.65 -19.32
CA GLU A 149 5.92 -0.62 -18.97
C GLU A 149 4.95 -1.54 -18.20
N GLU A 150 4.15 -1.02 -17.27
CA GLU A 150 3.16 -1.81 -16.49
C GLU A 150 2.07 -2.30 -17.46
N ARG A 151 1.62 -1.45 -18.37
CA ARG A 151 0.59 -1.86 -19.37
C ARG A 151 1.11 -3.03 -20.21
N HIS A 152 2.36 -2.99 -20.67
CA HIS A 152 3.00 -4.11 -21.41
C HIS A 152 2.99 -5.38 -20.54
N ARG A 153 3.51 -5.28 -19.32
CA ARG A 153 3.63 -6.49 -18.46
C ARG A 153 2.24 -7.10 -18.24
N ILE A 154 1.25 -6.25 -17.98
CA ILE A 154 -0.13 -6.72 -17.62
C ILE A 154 -0.75 -7.38 -18.85
N LEU A 155 -0.55 -6.82 -20.04
CA LEU A 155 -1.07 -7.45 -21.28
C LEU A 155 -0.50 -8.86 -21.42
N ASN A 156 0.81 -9.03 -21.26
CA ASN A 156 1.48 -10.34 -21.39
C ASN A 156 0.88 -11.28 -20.35
N GLU A 157 0.85 -10.86 -19.09
CA GLU A 157 0.34 -11.72 -17.98
C GLU A 157 -1.10 -12.16 -18.32
N THR A 158 -1.93 -11.21 -18.74
CA THR A 158 -3.39 -11.44 -18.91
C THR A 158 -3.62 -12.34 -20.14
N GLY A 159 -2.95 -12.06 -21.25
CA GLY A 159 -3.08 -12.86 -22.48
C GLY A 159 -2.65 -14.29 -22.24
N LYS A 160 -1.54 -14.52 -21.52
CA LYS A 160 -1.07 -15.90 -21.20
C LYS A 160 -2.17 -16.68 -20.46
N ILE A 161 -2.78 -16.07 -19.46
CA ILE A 161 -3.85 -16.71 -18.62
C ILE A 161 -5.10 -16.95 -19.48
N LEU A 162 -5.48 -15.96 -20.31
CA LEU A 162 -6.67 -16.08 -21.19
C LEU A 162 -6.46 -17.27 -22.14
N LEU A 163 -5.27 -17.43 -22.73
CA LEU A 163 -4.99 -18.54 -23.69
C LEU A 163 -5.03 -19.88 -22.94
N GLU A 164 -4.42 -19.94 -21.74
CA GLU A 164 -4.19 -21.22 -21.01
C GLU A 164 -5.47 -21.71 -20.36
N LYS A 165 -6.31 -20.81 -19.83
CA LYS A 165 -7.44 -21.15 -18.94
C LYS A 165 -8.80 -20.90 -19.60
N PHE A 166 -8.87 -20.03 -20.61
CA PHE A 166 -10.16 -19.50 -21.12
C PHE A 166 -10.22 -19.54 -22.66
N GLY A 167 -9.52 -20.46 -23.30
CA GLY A 167 -9.58 -20.60 -24.77
C GLY A 167 -9.33 -19.32 -25.54
N GLY A 168 -8.58 -18.38 -24.96
CA GLY A 168 -8.13 -17.16 -25.67
C GLY A 168 -9.25 -16.15 -25.86
N SER A 169 -10.37 -16.27 -25.16
CA SER A 169 -11.49 -15.29 -25.28
C SER A 169 -12.13 -14.99 -23.93
N PHE A 170 -12.33 -13.71 -23.63
CA PHE A 170 -12.99 -13.28 -22.38
C PHE A 170 -14.47 -13.70 -22.42
N LEU A 171 -15.02 -13.98 -23.59
CA LEU A 171 -16.45 -14.43 -23.65
C LEU A 171 -16.62 -15.77 -22.92
N ASN A 172 -15.60 -16.62 -22.91
CA ASN A 172 -15.62 -17.89 -22.14
C ASN A 172 -15.73 -17.61 -20.64
N CYS A 173 -15.03 -16.61 -20.13
CA CYS A 173 -15.16 -16.20 -18.71
CA CYS A 173 -15.15 -16.17 -18.72
C CYS A 173 -16.58 -15.73 -18.43
N VAL A 174 -17.13 -14.91 -19.31
CA VAL A 174 -18.50 -14.37 -19.14
C VAL A 174 -19.46 -15.57 -19.07
N ARG A 175 -19.34 -16.51 -20.01
CA ARG A 175 -20.28 -17.66 -20.09
C ARG A 175 -20.15 -18.51 -18.83
N GLU A 176 -18.94 -18.65 -18.28
CA GLU A 176 -18.70 -19.49 -17.07
C GLU A 176 -19.33 -18.83 -15.84
N SER A 177 -19.63 -17.53 -15.91
CA SER A 177 -20.19 -16.75 -14.78
C SER A 177 -21.70 -17.01 -14.63
N GLU A 178 -22.34 -17.61 -15.65
CA GLU A 178 -23.74 -18.09 -15.57
C GLU A 178 -24.66 -16.93 -15.19
N ASN A 179 -24.50 -15.80 -15.86
CA ASN A 179 -25.39 -14.62 -15.68
C ASN A 179 -25.33 -14.11 -14.25
N SER A 180 -24.20 -14.29 -13.57
CA SER A 180 -23.95 -13.70 -12.23
C SER A 180 -22.80 -12.70 -12.31
N ALA A 181 -23.10 -11.43 -12.03
CA ALA A 181 -22.09 -10.35 -11.96
C ALA A 181 -21.11 -10.65 -10.83
N GLN A 182 -21.60 -11.15 -9.69
CA GLN A 182 -20.69 -11.51 -8.56
C GLN A 182 -19.77 -12.64 -9.00
N LYS A 183 -20.30 -13.67 -9.66
CA LYS A 183 -19.42 -14.79 -10.07
C LYS A 183 -18.37 -14.28 -11.06
N LEU A 184 -18.76 -13.43 -12.00
CA LEU A 184 -17.80 -12.88 -12.99
C LEU A 184 -16.73 -12.08 -12.25
N MET A 185 -17.12 -11.21 -11.33
CA MET A 185 -16.16 -10.42 -10.52
C MET A 185 -15.14 -11.37 -9.86
N HIS A 186 -15.61 -12.42 -9.17
CA HIS A 186 -14.75 -13.37 -8.44
C HIS A 186 -13.84 -14.16 -9.41
N LEU A 187 -14.39 -14.61 -10.54
N LEU A 187 -14.39 -14.60 -10.54
CA LEU A 187 -13.62 -15.35 -11.56
CA LEU A 187 -13.62 -15.35 -11.57
C LEU A 187 -12.43 -14.48 -12.00
C LEU A 187 -12.45 -14.49 -12.06
N VAL A 188 -12.70 -13.21 -12.27
CA VAL A 188 -11.66 -12.25 -12.76
C VAL A 188 -10.60 -12.08 -11.67
N VAL A 189 -10.99 -11.78 -10.44
CA VAL A 189 -10.02 -11.50 -9.34
C VAL A 189 -9.20 -12.76 -9.06
N GLU A 190 -9.81 -13.94 -9.15
CA GLU A 190 -9.09 -15.20 -8.80
C GLU A 190 -8.16 -15.58 -9.95
N SER A 191 -8.50 -15.24 -11.20
CA SER A 191 -7.79 -15.73 -12.42
C SER A 191 -6.65 -14.79 -12.84
N PHE A 192 -6.82 -13.48 -12.65
CA PHE A 192 -5.94 -12.44 -13.25
C PHE A 192 -5.30 -11.59 -12.17
N PRO A 193 -4.02 -11.83 -11.80
CA PRO A 193 -3.40 -11.13 -10.67
C PRO A 193 -3.54 -9.61 -10.67
N SER A 194 -3.48 -8.97 -11.84
CA SER A 194 -3.49 -7.49 -11.93
C SER A 194 -4.82 -6.93 -11.41
N TYR A 195 -5.84 -7.77 -11.26
CA TYR A 195 -7.19 -7.34 -10.80
C TYR A 195 -7.33 -7.42 -9.28
N ARG A 196 -6.30 -7.88 -8.55
CA ARG A 196 -6.39 -8.14 -7.07
C ARG A 196 -6.24 -6.82 -6.30
N ASP A 197 -7.29 -5.99 -6.41
CA ASP A 197 -7.37 -4.64 -5.80
C ASP A 197 -7.89 -4.81 -4.36
N VAL A 198 -6.98 -5.18 -3.46
CA VAL A 198 -7.24 -5.49 -2.03
C VAL A 198 -6.11 -4.85 -1.22
N THR A 199 -6.41 -4.35 -0.03
CA THR A 199 -5.43 -3.69 0.85
C THR A 199 -5.85 -3.91 2.30
N LEU A 200 -5.27 -3.14 3.20
CA LEU A 200 -5.51 -3.23 4.66
C LEU A 200 -6.18 -1.94 5.11
N PHE A 201 -7.07 -2.06 6.07
CA PHE A 201 -7.59 -0.90 6.83
C PHE A 201 -7.87 -1.36 8.26
N GLU A 202 -7.20 -0.73 9.22
CA GLU A 202 -7.35 -1.05 10.67
C GLU A 202 -7.18 -2.55 10.88
N GLY A 203 -6.22 -3.16 10.17
CA GLY A 203 -5.81 -4.56 10.36
C GLY A 203 -6.81 -5.56 9.78
N LYS A 204 -7.80 -5.09 9.02
CA LYS A 204 -8.74 -5.95 8.26
C LYS A 204 -8.38 -5.91 6.77
N ARG A 205 -8.57 -7.02 6.07
CA ARG A 205 -8.41 -7.05 4.60
C ARG A 205 -9.70 -6.48 3.98
N VAL A 206 -9.57 -5.38 3.25
CA VAL A 206 -10.68 -4.71 2.52
C VAL A 206 -10.46 -4.89 1.02
N SER A 207 -11.55 -4.90 0.25
CA SER A 207 -11.47 -4.99 -1.23
C SER A 207 -12.12 -3.75 -1.87
N PHE A 208 -11.63 -3.34 -3.04
CA PHE A 208 -12.26 -2.31 -3.90
C PHE A 208 -12.64 -2.89 -5.26
N TYR A 209 -11.76 -3.71 -5.84
CA TYR A 209 -11.98 -4.34 -7.17
C TYR A 209 -12.50 -3.30 -8.16
N LYS A 210 -11.82 -2.16 -8.28
CA LYS A 210 -12.24 -1.10 -9.25
C LYS A 210 -12.26 -1.69 -10.67
N ARG A 211 -11.16 -2.30 -11.12
CA ARG A 211 -11.05 -2.77 -12.53
C ARG A 211 -11.94 -4.01 -12.71
N ALA A 212 -12.04 -4.91 -11.73
CA ALA A 212 -12.87 -6.14 -11.91
C ALA A 212 -14.34 -5.72 -12.00
N GLN A 213 -14.78 -4.77 -11.17
CA GLN A 213 -16.21 -4.35 -11.19
C GLN A 213 -16.49 -3.55 -12.46
N ILE A 214 -15.59 -2.65 -12.89
CA ILE A 214 -15.85 -1.89 -14.13
C ILE A 214 -15.86 -2.87 -15.32
N LEU A 215 -15.07 -3.93 -15.29
CA LEU A 215 -15.05 -4.95 -16.35
C LEU A 215 -16.45 -5.62 -16.40
N VAL A 216 -16.99 -6.02 -15.26
CA VAL A 216 -18.35 -6.62 -15.22
C VAL A 216 -19.36 -5.59 -15.74
N ALA A 217 -19.31 -4.34 -15.25
CA ALA A 217 -20.28 -3.29 -15.66
C ALA A 217 -20.19 -3.08 -17.17
N ASP A 218 -18.98 -3.00 -17.71
CA ASP A 218 -18.75 -2.71 -19.16
C ASP A 218 -19.14 -3.93 -20.00
N THR A 219 -19.09 -5.14 -19.43
CA THR A 219 -19.54 -6.37 -20.10
C THR A 219 -21.08 -6.31 -20.21
N TRP A 220 -21.72 -5.99 -19.10
CA TRP A 220 -23.18 -5.74 -19.06
C TRP A 220 -23.55 -4.73 -20.14
N SER A 221 -22.80 -3.62 -20.18
CA SER A 221 -23.10 -2.48 -21.07
C SER A 221 -22.92 -2.89 -22.54
N VAL A 222 -21.81 -3.54 -22.88
CA VAL A 222 -21.49 -3.82 -24.31
C VAL A 222 -22.48 -4.88 -24.85
N LEU A 223 -23.01 -5.74 -23.98
CA LEU A 223 -23.99 -6.79 -24.34
C LEU A 223 -25.42 -6.28 -24.08
N GLU A 224 -25.56 -5.00 -23.70
CA GLU A 224 -26.86 -4.30 -23.59
C GLU A 224 -27.75 -4.99 -22.54
N GLY A 225 -27.15 -5.59 -21.52
CA GLY A 225 -27.83 -6.25 -20.39
C GLY A 225 -28.57 -7.50 -20.82
N LYS A 226 -28.22 -8.06 -21.98
CA LYS A 226 -28.94 -9.19 -22.60
C LYS A 226 -27.99 -10.36 -22.85
N GLY A 227 -28.59 -11.55 -23.00
CA GLY A 227 -27.86 -12.75 -23.39
C GLY A 227 -26.80 -13.09 -22.36
N ASP A 228 -25.55 -13.27 -22.79
CA ASP A 228 -24.44 -13.63 -21.89
C ASP A 228 -24.20 -12.48 -20.90
N GLY A 229 -24.66 -11.27 -21.24
CA GLY A 229 -24.52 -10.05 -20.42
C GLY A 229 -25.77 -9.70 -19.64
N CYS A 230 -26.75 -10.60 -19.60
CA CYS A 230 -27.89 -10.49 -18.64
C CYS A 230 -27.41 -10.94 -17.27
N PHE A 231 -27.26 -10.01 -16.34
CA PHE A 231 -26.78 -10.32 -14.97
C PHE A 231 -27.93 -10.07 -14.00
N LYS A 232 -28.43 -11.16 -13.43
CA LYS A 232 -29.58 -11.18 -12.50
C LYS A 232 -29.25 -10.28 -11.29
N ASP A 233 -27.98 -10.14 -10.93
CA ASP A 233 -27.49 -9.45 -9.70
C ASP A 233 -26.66 -8.23 -10.07
N ILE A 234 -26.91 -7.62 -11.22
CA ILE A 234 -26.11 -6.44 -11.67
C ILE A 234 -26.14 -5.33 -10.62
N SER A 235 -27.22 -5.19 -9.85
CA SER A 235 -27.36 -4.10 -8.86
C SER A 235 -26.35 -4.28 -7.71
N SER A 236 -25.78 -5.48 -7.56
CA SER A 236 -24.80 -5.85 -6.51
C SER A 236 -23.42 -5.23 -6.81
N ILE A 237 -23.20 -4.74 -8.02
CA ILE A 237 -21.89 -4.12 -8.37
C ILE A 237 -21.86 -2.70 -7.82
N THR A 238 -20.74 -2.31 -7.21
CA THR A 238 -20.59 -0.96 -6.58
C THR A 238 -20.01 -0.01 -7.62
N MET A 239 -19.85 1.25 -7.24
CA MET A 239 -19.08 2.22 -8.04
C MET A 239 -17.62 1.73 -8.11
N PHE A 240 -16.89 2.25 -9.09
CA PHE A 240 -15.49 1.89 -9.39
C PHE A 240 -14.60 2.96 -8.75
N ALA A 241 -13.93 2.59 -7.64
CA ALA A 241 -13.26 3.54 -6.74
C ALA A 241 -11.94 3.98 -7.37
N ASP A 242 -11.96 5.13 -8.02
CA ASP A 242 -10.82 5.68 -8.79
C ASP A 242 -10.47 7.06 -8.21
N TYR A 243 -9.86 7.92 -9.02
CA TYR A 243 -9.44 9.27 -8.54
C TYR A 243 -10.40 10.34 -9.07
N ARG A 244 -11.11 10.09 -10.18
CA ARG A 244 -12.06 11.11 -10.73
C ARG A 244 -13.38 11.14 -9.96
N LEU A 245 -13.93 10.00 -9.55
CA LEU A 245 -15.23 9.99 -8.83
C LEU A 245 -15.13 10.72 -7.50
N PRO A 246 -14.11 10.50 -6.63
CA PRO A 246 -14.01 11.25 -5.38
C PRO A 246 -13.95 12.76 -5.65
N GLN A 247 -13.21 13.17 -6.68
CA GLN A 247 -13.06 14.60 -7.03
C GLN A 247 -14.44 15.21 -7.32
N VAL A 248 -15.31 14.52 -8.08
N VAL A 248 -15.27 14.52 -8.11
CA VAL A 248 -16.64 15.09 -8.47
CA VAL A 248 -16.64 14.98 -8.47
C VAL A 248 -17.60 15.03 -7.28
C VAL A 248 -17.49 15.09 -7.20
N LEU A 249 -17.48 14.04 -6.39
CA LEU A 249 -18.30 14.00 -5.14
C LEU A 249 -17.90 15.13 -4.20
N ALA A 250 -16.61 15.41 -4.08
CA ALA A 250 -16.08 16.56 -3.31
C ALA A 250 -16.57 17.86 -3.95
N HIS A 251 -16.51 17.99 -5.26
CA HIS A 251 -17.00 19.19 -5.99
C HIS A 251 -18.48 19.45 -5.67
N LEU A 252 -19.29 18.38 -5.64
CA LEU A 252 -20.76 18.48 -5.51
C LEU A 252 -21.15 18.56 -4.02
N GLY A 253 -20.19 18.46 -3.10
CA GLY A 253 -20.42 18.63 -1.65
C GLY A 253 -20.79 17.36 -0.91
N ALA A 254 -20.70 16.17 -1.51
CA ALA A 254 -21.05 14.89 -0.85
C ALA A 254 -19.87 14.35 -0.03
N LEU A 255 -18.64 14.69 -0.42
CA LEU A 255 -17.40 14.32 0.31
C LEU A 255 -16.76 15.61 0.85
N LYS A 256 -16.27 15.54 2.07
CA LYS A 256 -15.46 16.59 2.75
C LYS A 256 -14.13 15.97 3.19
N TYR A 257 -13.03 16.70 2.97
CA TYR A 257 -11.66 16.28 3.36
C TYR A 257 -11.17 17.12 4.53
N SER A 258 -10.33 16.50 5.37
CA SER A 258 -9.58 17.18 6.46
C SER A 258 -8.59 18.19 5.86
N ASP A 259 -8.04 19.05 6.72
CA ASP A 259 -6.99 20.02 6.32
C ASP A 259 -5.72 19.26 5.94
N ASP A 260 -5.33 18.22 6.69
CA ASP A 260 -4.08 17.49 6.34
C ASP A 260 -4.24 16.91 4.94
N LEU A 261 -5.41 16.38 4.60
CA LEU A 261 -5.60 15.68 3.31
C LEU A 261 -5.72 16.73 2.20
N LEU A 262 -6.51 17.77 2.40
CA LEU A 262 -6.68 18.84 1.38
C LEU A 262 -5.31 19.44 1.05
N LYS A 263 -4.46 19.57 2.07
CA LYS A 263 -3.08 20.11 1.94
C LYS A 263 -2.32 19.30 0.87
N LYS A 264 -2.36 17.97 0.99
CA LYS A 264 -1.68 17.05 0.06
C LYS A 264 -2.27 17.25 -1.33
N LEU A 265 -3.61 17.31 -1.44
CA LEU A 265 -4.31 17.42 -2.74
C LEU A 265 -3.92 18.73 -3.43
N LEU A 266 -3.88 19.84 -2.71
CA LEU A 266 -3.61 21.18 -3.28
C LEU A 266 -2.14 21.28 -3.70
N LYS A 267 -1.24 20.56 -3.01
CA LYS A 267 0.21 20.61 -3.34
C LYS A 267 0.56 19.57 -4.39
N GLY A 268 -0.36 18.66 -4.70
CA GLY A 268 -0.09 17.50 -5.57
C GLY A 268 0.87 16.51 -4.94
N GLU A 269 0.83 16.38 -3.61
N GLU A 269 0.83 16.34 -3.61
CA GLU A 269 1.60 15.34 -2.88
CA GLU A 269 1.66 15.33 -2.92
C GLU A 269 1.03 13.97 -3.27
C GLU A 269 1.14 13.93 -3.26
N MET A 270 1.89 13.12 -3.84
N MET A 270 2.02 13.09 -3.83
CA MET A 270 1.50 11.77 -4.34
CA MET A 270 1.72 11.68 -4.21
C MET A 270 1.19 10.88 -3.13
C MET A 270 1.12 10.97 -2.99
N LEU A 271 0.01 10.25 -3.15
CA LEU A 271 -0.41 9.25 -2.14
C LEU A 271 0.08 7.89 -2.64
N SER A 272 0.27 6.93 -1.75
CA SER A 272 0.64 5.54 -2.13
C SER A 272 -0.55 4.61 -1.91
N TYR A 273 -0.66 3.59 -2.76
CA TYR A 273 -1.70 2.55 -2.66
C TYR A 273 -1.70 1.95 -1.26
N GLY A 274 -2.82 2.08 -0.56
CA GLY A 274 -3.02 1.46 0.77
C GLY A 274 -2.67 2.42 1.90
N ASP A 275 -2.17 3.62 1.58
CA ASP A 275 -2.06 4.71 2.60
C ASP A 275 -3.43 4.88 3.25
N ARG A 276 -3.48 5.10 4.57
CA ARG A 276 -4.77 5.27 5.28
C ARG A 276 -5.65 6.29 4.55
N GLN A 277 -5.11 7.45 4.19
CA GLN A 277 -5.91 8.55 3.60
C GLN A 277 -6.42 8.12 2.21
N GLU A 278 -5.59 7.41 1.45
CA GLU A 278 -6.00 6.92 0.10
C GLU A 278 -7.16 5.95 0.28
N VAL A 279 -7.09 5.08 1.28
CA VAL A 279 -8.12 4.01 1.50
C VAL A 279 -9.42 4.71 1.94
N GLU A 280 -9.30 5.75 2.77
CA GLU A 280 -10.46 6.54 3.24
C GLU A 280 -11.13 7.24 2.05
N ILE A 281 -10.36 7.85 1.14
CA ILE A 281 -10.96 8.50 -0.07
C ILE A 281 -11.77 7.44 -0.84
N ARG A 282 -11.15 6.30 -1.12
CA ARG A 282 -11.79 5.24 -1.94
C ARG A 282 -13.01 4.67 -1.21
N GLY A 283 -12.86 4.29 0.05
CA GLY A 283 -13.98 3.65 0.80
C GLY A 283 -15.13 4.63 0.97
N CYS A 284 -14.83 5.87 1.33
CA CYS A 284 -15.89 6.89 1.52
C CYS A 284 -16.61 7.18 0.19
N SER A 285 -15.89 7.27 -0.93
N SER A 285 -15.89 7.26 -0.94
CA SER A 285 -16.53 7.47 -2.25
CA SER A 285 -16.52 7.48 -2.26
C SER A 285 -17.51 6.31 -2.54
C SER A 285 -17.47 6.33 -2.59
N LEU A 286 -17.07 5.09 -2.29
CA LEU A 286 -17.85 3.89 -2.69
C LEU A 286 -19.12 3.86 -1.84
N TRP A 287 -18.98 4.07 -0.54
CA TRP A 287 -20.14 4.10 0.38
C TRP A 287 -21.01 5.31 0.01
N CYS A 288 -20.39 6.43 -0.34
CA CYS A 288 -21.12 7.66 -0.70
C CYS A 288 -22.06 7.38 -1.88
N VAL A 289 -21.61 6.66 -2.90
CA VAL A 289 -22.50 6.35 -4.05
C VAL A 289 -23.63 5.40 -3.61
N GLU A 290 -23.35 4.45 -2.70
CA GLU A 290 -24.41 3.57 -2.17
C GLU A 290 -25.50 4.46 -1.56
N LEU A 291 -25.12 5.44 -0.74
CA LEU A 291 -26.10 6.34 -0.06
C LEU A 291 -26.84 7.21 -1.07
N ILE A 292 -26.14 7.72 -2.08
CA ILE A 292 -26.78 8.55 -3.14
C ILE A 292 -27.83 7.71 -3.86
N ARG A 293 -27.49 6.46 -4.16
CA ARG A 293 -28.41 5.56 -4.91
C ARG A 293 -29.66 5.31 -4.06
N ASP A 294 -29.47 5.02 -2.77
CA ASP A 294 -30.60 4.81 -1.81
C ASP A 294 -31.47 6.06 -1.81
N CYS A 295 -30.88 7.23 -1.62
CA CYS A 295 -31.60 8.54 -1.61
C CYS A 295 -32.36 8.73 -2.94
N LEU A 296 -31.70 8.50 -4.08
CA LEU A 296 -32.35 8.67 -5.41
C LEU A 296 -33.58 7.75 -5.51
N LEU A 297 -33.43 6.48 -5.15
CA LEU A 297 -34.55 5.51 -5.27
C LEU A 297 -35.70 5.94 -4.35
N GLU A 298 -35.41 6.49 -3.17
CA GLU A 298 -36.44 7.01 -2.22
C GLU A 298 -37.14 8.23 -2.85
N LEU A 299 -36.39 9.11 -3.53
CA LEU A 299 -36.95 10.31 -4.20
C LEU A 299 -37.90 9.86 -5.32
N ILE A 300 -37.51 8.82 -6.07
CA ILE A 300 -38.28 8.28 -7.21
C ILE A 300 -39.55 7.60 -6.67
N GLU A 301 -39.46 6.90 -5.54
CA GLU A 301 -40.63 6.26 -4.85
C GLU A 301 -41.62 7.34 -4.42
N GLN A 302 -41.09 8.46 -3.90
CA GLN A 302 -41.86 9.59 -3.31
C GLN A 302 -42.64 10.33 -4.41
N LYS A 303 -42.03 10.50 -5.59
CA LYS A 303 -42.69 11.15 -6.77
C LYS A 303 -43.67 10.17 -7.42
N GLY A 304 -43.82 8.97 -6.85
CA GLY A 304 -44.68 7.89 -7.36
C GLY A 304 -44.29 7.50 -8.77
N GLU A 305 -42.99 7.45 -9.05
CA GLU A 305 -42.45 7.15 -10.40
C GLU A 305 -42.20 5.64 -10.51
N LYS A 306 -42.27 5.13 -11.74
CA LYS A 306 -42.02 3.71 -12.11
C LYS A 306 -40.96 3.71 -13.20
N PRO A 307 -39.68 3.92 -12.82
CA PRO A 307 -38.58 4.03 -13.79
C PRO A 307 -38.69 2.94 -14.86
N ASN A 308 -38.36 3.29 -16.10
CA ASN A 308 -38.42 2.38 -17.27
C ASN A 308 -37.18 1.48 -17.29
N GLY A 309 -36.33 1.60 -16.26
CA GLY A 309 -35.18 0.72 -16.02
C GLY A 309 -34.69 0.84 -14.59
N GLU A 310 -33.94 -0.16 -14.11
CA GLU A 310 -33.41 -0.20 -12.73
C GLU A 310 -32.21 0.75 -12.66
N ILE A 311 -32.27 1.74 -11.77
CA ILE A 311 -31.11 2.62 -11.46
C ILE A 311 -30.22 1.85 -10.51
N ASN A 312 -28.90 1.86 -10.74
CA ASN A 312 -27.95 1.13 -9.86
C ASN A 312 -26.66 1.94 -9.75
N SER A 313 -25.75 1.46 -8.89
CA SER A 313 -24.48 2.14 -8.60
C SER A 313 -23.65 2.27 -9.87
N ILE A 314 -23.65 1.26 -10.74
CA ILE A 314 -22.91 1.32 -12.04
C ILE A 314 -23.35 2.58 -12.80
N LEU A 315 -24.66 2.76 -12.97
CA LEU A 315 -25.18 3.84 -13.82
C LEU A 315 -24.87 5.19 -13.19
N LEU A 316 -24.92 5.30 -11.85
CA LEU A 316 -24.55 6.56 -11.16
C LEU A 316 -23.07 6.85 -11.42
N ASP A 317 -22.21 5.82 -11.36
CA ASP A 317 -20.75 5.99 -11.60
C ASP A 317 -20.54 6.49 -13.03
N TYR A 318 -21.15 5.83 -14.02
CA TYR A 318 -21.01 6.23 -15.44
C TYR A 318 -21.34 7.72 -15.59
N TYR A 319 -22.47 8.15 -15.00
CA TYR A 319 -22.96 9.54 -15.11
C TYR A 319 -21.94 10.50 -14.50
N LEU A 320 -21.56 10.23 -13.25
CA LEU A 320 -20.68 11.14 -12.48
C LEU A 320 -19.28 11.19 -13.09
N TRP A 321 -18.78 10.10 -13.67
CA TRP A 321 -17.45 10.11 -14.35
C TRP A 321 -17.54 11.00 -15.58
N ASP A 322 -18.63 10.89 -16.34
CA ASP A 322 -18.84 11.76 -17.53
C ASP A 322 -18.97 13.20 -17.07
N TYR A 323 -19.65 13.43 -15.96
CA TYR A 323 -19.82 14.79 -15.39
C TYR A 323 -18.42 15.35 -15.10
N ALA A 324 -17.53 14.56 -14.48
CA ALA A 324 -16.13 14.96 -14.17
C ALA A 324 -15.41 15.38 -15.44
N HIS A 325 -15.63 14.60 -16.51
CA HIS A 325 -14.96 14.79 -17.82
C HIS A 325 -15.44 16.12 -18.41
N ASP A 326 -16.75 16.39 -18.31
CA ASP A 326 -17.42 17.56 -18.96
C ASP A 326 -17.28 18.84 -18.13
N HIS A 327 -16.96 18.77 -16.83
CA HIS A 327 -16.88 19.94 -15.91
C HIS A 327 -15.49 20.04 -15.28
N ARG A 328 -14.43 19.56 -15.94
CA ARG A 328 -13.07 19.52 -15.35
C ARG A 328 -12.66 20.92 -14.88
N GLU A 329 -12.97 21.96 -15.68
CA GLU A 329 -12.62 23.38 -15.38
C GLU A 329 -13.21 23.83 -14.04
N ASP A 330 -14.47 23.44 -13.77
N ASP A 330 -14.45 23.41 -13.76
CA ASP A 330 -15.21 23.85 -12.55
CA ASP A 330 -15.22 23.85 -12.57
C ASP A 330 -14.53 23.28 -11.29
C ASP A 330 -14.69 23.17 -11.29
N MET A 331 -13.82 22.15 -11.42
CA MET A 331 -13.36 21.32 -10.28
C MET A 331 -11.91 21.62 -9.88
N LYS A 332 -11.24 22.61 -10.51
CA LYS A 332 -9.83 23.02 -10.25
C LYS A 332 -9.57 23.16 -8.75
N GLY A 333 -10.50 23.74 -8.01
CA GLY A 333 -10.35 24.17 -6.61
C GLY A 333 -10.18 23.02 -5.63
N ILE A 334 -10.73 21.84 -5.95
CA ILE A 334 -10.49 20.59 -5.15
C ILE A 334 -9.90 19.56 -6.11
N PRO A 335 -8.55 19.37 -6.10
CA PRO A 335 -7.92 18.44 -7.02
C PRO A 335 -8.28 16.98 -6.74
N PHE A 336 -8.07 16.15 -7.73
CA PHE A 336 -8.07 14.68 -7.57
C PHE A 336 -6.77 14.32 -6.84
N HIS A 337 -6.83 13.23 -6.08
CA HIS A 337 -5.65 12.67 -5.37
C HIS A 337 -4.78 11.99 -6.41
N ARG A 338 -3.48 12.11 -6.20
CA ARG A 338 -2.48 11.65 -7.18
C ARG A 338 -1.87 10.36 -6.66
N ILE A 339 -1.90 9.33 -7.50
CA ILE A 339 -1.33 8.00 -7.17
C ILE A 339 -0.92 7.36 -8.47
N ARG A 340 0.19 6.63 -8.46
CA ARG A 340 0.59 5.78 -9.61
C ARG A 340 0.49 4.33 -9.16
N CYS A 341 -0.55 3.62 -9.61
CA CYS A 341 -0.69 2.19 -9.32
C CYS A 341 -1.44 1.53 -10.47
N ILE A 342 -1.43 0.20 -10.51
CA ILE A 342 -2.03 -0.58 -11.64
C ILE A 342 -3.52 -0.80 -11.37
N TYR A 343 -4.01 -0.50 -10.17
CA TYR A 343 -5.39 -0.89 -9.78
C TYR A 343 -6.41 0.13 -10.25
N TYR A 344 -5.99 1.39 -10.37
CA TYR A 344 -6.83 2.51 -10.88
C TYR A 344 -5.96 3.70 -11.23
N GLY B 1 -2.99 25.61 12.77
CA GLY B 1 -2.89 25.05 11.39
C GLY B 1 -1.93 25.87 10.54
N SER B 2 -1.47 25.30 9.44
CA SER B 2 -0.47 25.92 8.52
C SER B 2 -0.59 25.31 7.13
N HIS B 3 -0.29 26.09 6.09
CA HIS B 3 -0.05 25.60 4.70
C HIS B 3 1.16 24.66 4.69
N MET B 4 2.08 24.79 5.64
CA MET B 4 3.29 23.93 5.69
C MET B 4 2.89 22.54 6.21
N ASP B 5 3.62 21.51 5.78
CA ASP B 5 3.37 20.10 6.20
C ASP B 5 3.85 20.02 7.65
N GLY B 6 3.26 19.20 8.48
CA GLY B 6 3.67 19.29 9.90
C GLY B 6 5.01 18.63 10.22
N LEU B 7 5.95 18.35 9.28
CA LEU B 7 6.82 17.13 9.43
C LEU B 7 7.93 17.31 10.48
N LEU B 8 7.94 16.41 11.46
CA LEU B 8 9.00 16.33 12.49
C LEU B 8 9.84 15.07 12.24
N ASN B 9 11.16 15.14 12.50
CA ASN B 9 12.06 13.97 12.39
C ASN B 9 11.80 13.01 13.55
N PRO B 10 12.28 11.76 13.51
CA PRO B 10 11.93 10.78 14.55
C PRO B 10 12.28 11.21 15.98
N ARG B 11 13.45 11.80 16.19
CA ARG B 11 13.87 12.27 17.54
C ARG B 11 12.91 13.36 18.01
N GLU B 12 12.67 14.39 17.17
CA GLU B 12 11.75 15.54 17.44
C GLU B 12 10.35 14.99 17.73
N SER B 13 9.89 14.07 16.91
CA SER B 13 8.56 13.43 17.02
C SER B 13 8.43 12.80 18.40
N SER B 14 9.43 12.00 18.81
CA SER B 14 9.34 11.17 20.05
C SER B 14 9.29 12.07 21.29
N LYS B 15 10.03 13.18 21.29
CA LYS B 15 9.98 14.17 22.39
C LYS B 15 8.58 14.79 22.44
N PHE B 16 8.03 15.23 21.30
CA PHE B 16 6.69 15.87 21.23
C PHE B 16 5.64 14.87 21.73
N ILE B 17 5.73 13.63 21.31
CA ILE B 17 4.77 12.56 21.71
C ILE B 17 4.96 12.28 23.21
N ALA B 18 6.19 12.06 23.67
CA ALA B 18 6.46 11.66 25.07
C ALA B 18 5.91 12.73 26.02
N GLU B 19 6.00 14.01 25.63
CA GLU B 19 5.54 15.16 26.45
C GLU B 19 4.01 15.31 26.45
N ASN B 20 3.30 14.61 25.57
CA ASN B 20 1.85 14.79 25.34
C ASN B 20 1.12 13.45 25.44
N SER B 21 1.73 12.47 26.10
CA SER B 21 1.21 11.09 26.23
CA SER B 21 1.17 11.10 26.20
C SER B 21 0.22 11.01 27.40
N ARG B 22 -0.94 10.40 27.17
CA ARG B 22 -1.98 10.18 28.20
C ARG B 22 -1.81 8.82 28.86
N ASP B 23 -1.35 7.79 28.14
CA ASP B 23 -1.45 6.37 28.60
C ASP B 23 -0.09 5.68 28.69
N VAL B 24 1.00 6.35 28.32
CA VAL B 24 2.33 5.74 28.35
C VAL B 24 3.29 6.70 29.03
N PHE B 25 4.09 6.19 29.96
CA PHE B 25 4.99 7.00 30.81
C PHE B 25 6.39 6.42 30.76
N ILE B 26 7.39 7.29 30.76
CA ILE B 26 8.82 6.88 30.84
C ILE B 26 9.25 7.00 32.31
N ASP B 27 9.68 5.88 32.90
CA ASP B 27 10.10 5.79 34.33
C ASP B 27 11.60 6.01 34.44
N SER B 28 12.03 7.08 35.11
CA SER B 28 13.47 7.43 35.23
CA SER B 28 13.47 7.44 35.24
C SER B 28 14.20 6.31 35.98
N GLY B 29 13.57 5.72 36.99
CA GLY B 29 14.14 4.56 37.72
C GLY B 29 14.40 3.39 36.78
N GLY B 30 13.42 3.06 35.93
CA GLY B 30 13.54 2.00 34.91
C GLY B 30 14.64 2.29 33.89
N VAL B 31 14.75 3.55 33.45
CA VAL B 31 15.78 4.02 32.48
C VAL B 31 17.16 3.75 33.08
N ARG B 32 17.36 4.11 34.34
CA ARG B 32 18.65 3.91 35.06
C ARG B 32 18.92 2.40 35.16
N ARG B 33 17.87 1.62 35.44
CA ARG B 33 18.00 0.13 35.62
C ARG B 33 18.51 -0.48 34.32
N VAL B 34 17.90 -0.12 33.20
CA VAL B 34 18.27 -0.69 31.86
C VAL B 34 19.71 -0.27 31.53
N ALA B 35 20.07 1.00 31.74
CA ALA B 35 21.45 1.51 31.52
C ALA B 35 22.46 0.70 32.34
N GLU B 36 22.15 0.40 33.60
CA GLU B 36 23.04 -0.39 34.50
C GLU B 36 23.18 -1.81 33.93
N LEU B 37 22.09 -2.40 33.44
CA LEU B 37 22.15 -3.75 32.81
C LEU B 37 23.10 -3.71 31.59
N LEU B 38 22.93 -2.71 30.72
CA LEU B 38 23.73 -2.57 29.48
C LEU B 38 25.21 -2.32 29.81
N LEU B 39 25.51 -1.44 30.78
CA LEU B 39 26.90 -1.18 31.23
C LEU B 39 27.63 -2.50 31.50
N ALA B 40 26.96 -3.42 32.20
CA ALA B 40 27.50 -4.74 32.62
C ALA B 40 27.94 -5.55 31.39
N LYS B 41 27.29 -5.33 30.24
CA LYS B 41 27.43 -6.11 28.98
C LYS B 41 28.30 -5.37 27.95
N ALA B 42 28.81 -4.19 28.25
CA ALA B 42 29.30 -3.25 27.22
C ALA B 42 30.61 -3.74 26.57
N ALA B 43 31.36 -4.63 27.21
CA ALA B 43 32.60 -5.23 26.64
C ALA B 43 32.25 -6.40 25.71
N GLY B 44 31.04 -6.95 25.83
CA GLY B 44 30.62 -8.16 25.09
C GLY B 44 30.34 -7.87 23.61
N PRO B 45 30.32 -8.92 22.75
CA PRO B 45 29.94 -8.75 21.34
C PRO B 45 28.50 -8.24 21.13
N GLU B 46 27.65 -8.45 22.14
CA GLU B 46 26.22 -8.03 22.13
C GLU B 46 26.07 -6.51 22.08
N LEU B 47 27.09 -5.70 22.43
CA LEU B 47 27.00 -4.20 22.32
C LEU B 47 28.12 -3.64 21.45
N ARG B 48 28.51 -4.38 20.40
CA ARG B 48 29.52 -3.95 19.40
C ARG B 48 28.99 -4.29 18.01
N VAL B 49 29.39 -3.52 17.00
CA VAL B 49 28.88 -3.66 15.61
C VAL B 49 29.14 -5.10 15.12
N GLU B 50 30.22 -5.73 15.55
CA GLU B 50 30.58 -7.11 15.11
C GLU B 50 29.51 -8.11 15.54
N GLY B 51 28.79 -7.85 16.63
CA GLY B 51 27.76 -8.79 17.14
C GLY B 51 26.67 -9.08 16.12
N TRP B 52 26.37 -8.11 15.24
CA TRP B 52 25.31 -8.28 14.21
C TRP B 52 25.60 -9.52 13.36
N LYS B 53 26.85 -9.72 12.95
CA LYS B 53 27.28 -10.96 12.26
C LYS B 53 27.54 -12.07 13.28
N ALA B 54 28.30 -11.76 14.31
CA ALA B 54 28.93 -12.79 15.19
C ALA B 54 27.85 -13.60 15.94
N LEU B 55 26.72 -12.99 16.28
CA LEU B 55 25.70 -13.61 17.16
C LEU B 55 24.51 -14.15 16.34
N HIS B 56 24.46 -13.91 15.03
CA HIS B 56 23.27 -14.22 14.20
C HIS B 56 23.70 -14.94 12.93
N GLU B 57 23.61 -16.27 12.94
CA GLU B 57 24.17 -17.15 11.87
C GLU B 57 23.46 -16.90 10.54
N LEU B 58 22.22 -16.40 10.50
CA LEU B 58 21.52 -16.20 9.20
C LEU B 58 22.00 -14.92 8.52
N ASN B 59 22.63 -14.01 9.26
CA ASN B 59 23.09 -12.71 8.69
C ASN B 59 24.27 -12.97 7.76
N PRO B 60 24.39 -12.20 6.64
CA PRO B 60 25.50 -12.35 5.72
C PRO B 60 26.86 -12.19 6.42
N ARG B 61 27.82 -13.07 6.06
CA ARG B 61 29.24 -12.98 6.48
C ARG B 61 29.96 -11.84 5.74
N ALA B 62 29.68 -11.69 4.44
CA ALA B 62 30.47 -10.83 3.53
C ALA B 62 30.12 -9.35 3.78
N ALA B 63 31.03 -8.46 3.40
CA ALA B 63 30.78 -7.00 3.34
C ALA B 63 30.82 -6.55 1.88
N ASP B 64 30.03 -7.21 1.03
CA ASP B 64 30.05 -7.02 -0.44
C ASP B 64 28.68 -6.53 -0.93
N GLU B 65 28.59 -6.26 -2.22
CA GLU B 65 27.34 -5.77 -2.84
C GLU B 65 26.20 -6.77 -2.60
N ALA B 66 26.44 -8.06 -2.70
CA ALA B 66 25.38 -9.08 -2.50
C ALA B 66 24.81 -8.94 -1.07
N ALA B 67 25.68 -8.74 -0.08
CA ALA B 67 25.29 -8.66 1.35
C ALA B 67 24.46 -7.40 1.58
N VAL B 68 24.82 -6.30 0.92
CA VAL B 68 24.11 -5.00 1.05
C VAL B 68 22.69 -5.19 0.47
N ASN B 69 22.55 -5.89 -0.64
CA ASN B 69 21.22 -6.11 -1.27
C ASN B 69 20.39 -7.11 -0.45
N TRP B 70 21.04 -8.07 0.21
CA TRP B 70 20.37 -8.98 1.18
C TRP B 70 19.75 -8.13 2.31
N VAL B 71 20.50 -7.19 2.88
CA VAL B 71 19.97 -6.29 3.96
C VAL B 71 18.81 -5.46 3.40
N PHE B 72 18.91 -5.00 2.17
CA PHE B 72 17.84 -4.19 1.56
C PHE B 72 16.53 -5.00 1.50
N VAL B 73 16.60 -6.25 1.03
CA VAL B 73 15.37 -7.07 0.87
C VAL B 73 14.77 -7.42 2.24
N THR B 74 15.60 -7.84 3.19
CA THR B 74 15.09 -8.25 4.53
C THR B 74 14.45 -7.04 5.20
N ASP B 75 15.06 -5.85 5.11
CA ASP B 75 14.50 -4.66 5.81
C ASP B 75 13.31 -4.09 5.02
N THR B 76 13.24 -4.32 3.71
CA THR B 76 12.05 -3.96 2.90
C THR B 76 10.84 -4.75 3.44
N LEU B 77 11.07 -5.96 3.92
CA LEU B 77 9.97 -6.84 4.38
C LEU B 77 9.96 -6.96 5.90
N ASN B 78 10.62 -6.05 6.63
CA ASN B 78 10.86 -6.24 8.08
C ASN B 78 9.65 -5.64 8.82
N PHE B 79 8.54 -6.38 8.81
CA PHE B 79 7.29 -5.96 9.48
C PHE B 79 6.40 -7.16 9.78
N SER B 80 5.71 -7.08 10.91
CA SER B 80 4.47 -7.85 11.23
C SER B 80 4.69 -9.36 11.19
N PHE B 81 5.46 -9.93 12.14
CA PHE B 81 5.76 -11.37 12.15
C PHE B 81 4.95 -12.10 13.23
N TRP B 82 4.25 -11.38 14.09
CA TRP B 82 3.55 -12.00 15.23
C TRP B 82 2.39 -12.86 14.70
N SER B 83 2.10 -13.96 15.39
CA SER B 83 1.04 -14.93 15.04
C SER B 83 -0.20 -14.69 15.93
N GLU B 84 -1.38 -14.87 15.36
CA GLU B 84 -2.67 -14.91 16.11
C GLU B 84 -2.69 -16.03 17.16
N GLN B 85 -2.00 -17.15 16.89
CA GLN B 85 -2.15 -18.44 17.63
C GLN B 85 -0.97 -18.61 18.61
N ASP B 86 -1.25 -18.90 19.88
CA ASP B 86 -0.20 -19.11 20.92
C ASP B 86 0.77 -20.20 20.46
N GLU B 87 0.30 -21.44 20.38
CA GLU B 87 1.13 -22.59 19.95
C GLU B 87 1.68 -22.25 18.57
N HIS B 88 0.78 -21.97 17.62
CA HIS B 88 1.01 -22.20 16.16
C HIS B 88 1.51 -20.91 15.50
N LYS B 89 2.67 -21.01 14.86
CA LYS B 89 3.39 -19.88 14.26
C LYS B 89 4.02 -20.36 12.96
N CYS B 90 4.32 -19.40 12.09
CA CYS B 90 5.15 -19.61 10.90
C CYS B 90 6.54 -20.07 11.35
N VAL B 91 7.00 -21.19 10.81
CA VAL B 91 8.37 -21.71 11.09
C VAL B 91 9.02 -22.01 9.75
N VAL B 92 10.25 -21.57 9.57
CA VAL B 92 11.00 -21.83 8.32
C VAL B 92 12.28 -22.56 8.70
N ARG B 93 12.54 -23.66 8.00
CA ARG B 93 13.72 -24.52 8.22
C ARG B 93 14.79 -24.14 7.20
N TYR B 94 16.00 -23.90 7.69
CA TYR B 94 17.17 -23.59 6.84
C TYR B 94 18.41 -24.33 7.38
N ARG B 95 19.00 -25.18 6.53
CA ARG B 95 20.20 -26.01 6.88
C ARG B 95 19.96 -26.72 8.22
N GLY B 96 18.80 -27.38 8.34
CA GLY B 96 18.42 -28.27 9.47
C GLY B 96 18.19 -27.53 10.79
N LYS B 97 18.01 -26.21 10.76
CA LYS B 97 17.67 -25.39 11.94
C LYS B 97 16.35 -24.71 11.62
N THR B 98 15.59 -24.34 12.65
N THR B 98 15.54 -24.41 12.64
CA THR B 98 14.21 -23.81 12.46
CA THR B 98 14.17 -23.83 12.46
C THR B 98 14.10 -22.43 13.12
C THR B 98 14.15 -22.43 13.09
N TYR B 99 13.40 -21.52 12.46
CA TYR B 99 13.35 -20.09 12.84
C TYR B 99 11.90 -19.64 12.79
N SER B 100 11.53 -18.74 13.70
CA SER B 100 10.21 -18.09 13.73
C SER B 100 10.41 -16.58 13.76
N GLY B 101 9.31 -15.84 13.60
CA GLY B 101 9.32 -14.37 13.63
C GLY B 101 10.18 -13.81 12.51
N TYR B 102 10.84 -12.69 12.76
CA TYR B 102 11.73 -12.03 11.76
C TYR B 102 12.75 -13.03 11.19
N TRP B 103 13.30 -13.89 12.03
CA TRP B 103 14.32 -14.86 11.56
C TRP B 103 13.74 -15.86 10.55
N SER B 104 12.42 -16.11 10.54
CA SER B 104 11.80 -17.00 9.51
C SER B 104 11.93 -16.33 8.13
N LEU B 105 11.83 -15.00 8.07
CA LEU B 105 12.04 -14.27 6.79
C LEU B 105 13.48 -14.45 6.32
N CYS B 106 14.48 -14.26 7.19
CA CYS B 106 15.91 -14.40 6.80
C CYS B 106 16.20 -15.83 6.36
N ALA B 107 15.63 -16.81 7.06
CA ALA B 107 15.81 -18.24 6.72
C ALA B 107 15.19 -18.51 5.35
N ALA B 108 14.03 -17.92 5.06
CA ALA B 108 13.34 -18.08 3.75
C ALA B 108 14.20 -17.46 2.64
N VAL B 109 14.74 -16.28 2.89
CA VAL B 109 15.62 -15.63 1.88
C VAL B 109 16.84 -16.53 1.62
N ASN B 110 17.50 -16.99 2.67
CA ASN B 110 18.74 -17.82 2.52
C ASN B 110 18.39 -19.14 1.82
N ARG B 111 17.27 -19.76 2.19
CA ARG B 111 16.78 -21.01 1.53
C ARG B 111 16.63 -20.79 0.03
N ALA B 112 15.99 -19.69 -0.39
CA ALA B 112 15.78 -19.33 -1.81
C ALA B 112 17.14 -19.14 -2.53
N LEU B 113 18.05 -18.35 -1.95
CA LEU B 113 19.39 -18.11 -2.53
C LEU B 113 20.12 -19.44 -2.74
N ASP B 114 20.01 -20.34 -1.76
CA ASP B 114 20.72 -21.65 -1.79
C ASP B 114 20.13 -22.53 -2.90
N GLU B 115 18.84 -22.36 -3.22
CA GLU B 115 18.15 -23.05 -4.35
C GLU B 115 18.50 -22.43 -5.69
N GLY B 116 19.16 -21.26 -5.71
CA GLY B 116 19.53 -20.52 -6.93
C GLY B 116 18.48 -19.49 -7.34
N ILE B 117 17.47 -19.26 -6.51
CA ILE B 117 16.43 -18.22 -6.76
C ILE B 117 17.02 -16.86 -6.39
N PRO B 118 17.18 -15.91 -7.35
CA PRO B 118 17.85 -14.63 -7.08
C PRO B 118 16.92 -13.63 -6.37
N ILE B 119 16.47 -14.01 -5.17
CA ILE B 119 15.45 -13.24 -4.41
C ILE B 119 16.00 -11.90 -3.92
N THR B 120 17.32 -11.69 -3.93
CA THR B 120 17.94 -10.40 -3.49
C THR B 120 18.29 -9.52 -4.71
N SER B 121 17.92 -9.97 -5.91
CA SER B 121 18.16 -9.23 -7.18
C SER B 121 16.87 -8.51 -7.61
N ALA B 122 16.90 -7.18 -7.72
CA ALA B 122 15.74 -6.37 -8.16
C ALA B 122 15.22 -6.84 -9.52
N SER B 123 16.11 -7.30 -10.42
CA SER B 123 15.73 -7.82 -11.76
C SER B 123 14.75 -9.00 -11.58
N TYR B 124 14.85 -9.73 -10.46
CA TYR B 124 13.90 -10.81 -10.11
C TYR B 124 12.69 -10.27 -9.33
N TYR B 125 12.91 -9.61 -8.18
CA TYR B 125 11.80 -9.35 -7.22
C TYR B 125 10.93 -8.17 -7.69
N ALA B 126 11.36 -7.38 -8.68
CA ALA B 126 10.50 -6.35 -9.31
C ALA B 126 9.23 -7.00 -9.91
N THR B 127 9.32 -8.24 -10.40
CA THR B 127 8.17 -8.89 -11.09
C THR B 127 7.87 -10.29 -10.53
N VAL B 128 8.45 -10.68 -9.38
CA VAL B 128 8.10 -11.96 -8.72
C VAL B 128 6.58 -12.01 -8.47
N THR B 129 5.95 -13.13 -8.74
CA THR B 129 4.46 -13.27 -8.62
C THR B 129 4.10 -13.59 -7.17
N LEU B 130 2.83 -13.44 -6.81
CA LEU B 130 2.35 -13.75 -5.44
C LEU B 130 2.59 -15.23 -5.17
N ASP B 131 2.30 -16.11 -6.13
CA ASP B 131 2.45 -17.58 -5.94
CA ASP B 131 2.46 -17.58 -5.97
C ASP B 131 3.94 -17.90 -5.66
N GLN B 132 4.85 -17.21 -6.36
CA GLN B 132 6.31 -17.38 -6.19
C GLN B 132 6.71 -16.89 -4.79
N VAL B 133 6.19 -15.75 -4.34
CA VAL B 133 6.47 -15.23 -2.97
C VAL B 133 5.92 -16.22 -1.94
N ARG B 134 4.68 -16.67 -2.14
CA ARG B 134 4.04 -17.67 -1.25
CA ARG B 134 4.03 -17.67 -1.24
C ARG B 134 4.94 -18.90 -1.06
N ASN B 135 5.51 -19.39 -2.16
CA ASN B 135 6.40 -20.59 -2.13
C ASN B 135 7.69 -20.24 -1.38
N ILE B 136 8.30 -19.10 -1.70
CA ILE B 136 9.59 -18.66 -1.10
C ILE B 136 9.40 -18.56 0.41
N LEU B 137 8.27 -18.02 0.87
CA LEU B 137 8.03 -17.81 2.33
C LEU B 137 7.32 -19.01 2.96
N ARG B 138 7.27 -20.16 2.30
CA ARG B 138 6.44 -21.30 2.78
C ARG B 138 6.86 -21.69 4.20
N SER B 139 5.85 -21.86 5.07
CA SER B 139 6.01 -22.31 6.46
C SER B 139 6.09 -23.84 6.51
N ASP B 140 6.80 -24.36 7.50
CA ASP B 140 6.87 -25.82 7.80
C ASP B 140 5.71 -26.21 8.73
N THR B 141 4.91 -25.24 9.19
CA THR B 141 3.68 -25.45 9.98
C THR B 141 2.45 -25.10 9.13
N ASP B 142 1.25 -25.27 9.67
N ASP B 142 1.26 -25.28 9.70
CA ASP B 142 -0.01 -24.94 8.94
CA ASP B 142 -0.05 -24.97 9.07
C ASP B 142 -0.28 -23.43 9.06
C ASP B 142 -0.29 -23.45 9.10
N VAL B 143 0.60 -22.69 9.73
CA VAL B 143 0.45 -21.21 9.88
C VAL B 143 1.43 -20.52 8.94
N SER B 144 0.90 -19.69 8.04
CA SER B 144 1.73 -18.91 7.08
C SER B 144 2.28 -17.66 7.75
N MET B 145 3.33 -17.11 7.15
CA MET B 145 3.85 -15.78 7.51
C MET B 145 2.72 -14.79 7.29
N PRO B 146 2.51 -13.82 8.19
CA PRO B 146 1.46 -12.82 7.97
C PRO B 146 1.76 -11.90 6.78
N LEU B 147 0.69 -11.40 6.15
CA LEU B 147 0.70 -10.27 5.18
C LEU B 147 1.54 -10.64 3.95
N VAL B 148 1.44 -11.87 3.45
CA VAL B 148 2.25 -12.29 2.27
C VAL B 148 1.88 -11.41 1.06
N GLU B 149 0.60 -11.04 0.91
CA GLU B 149 0.11 -10.20 -0.22
C GLU B 149 0.84 -8.84 -0.21
N GLU B 150 0.98 -8.25 0.99
CA GLU B 150 1.65 -6.95 1.20
C GLU B 150 3.13 -7.13 0.87
N ARG B 151 3.75 -8.21 1.34
CA ARG B 151 5.20 -8.46 1.07
C ARG B 151 5.41 -8.55 -0.45
N HIS B 152 4.53 -9.24 -1.15
CA HIS B 152 4.61 -9.38 -2.63
C HIS B 152 4.56 -8.00 -3.30
N ARG B 153 3.55 -7.20 -2.93
N ARG B 153 3.56 -7.19 -2.94
CA ARG B 153 3.31 -5.87 -3.53
CA ARG B 153 3.35 -5.89 -3.60
C ARG B 153 4.53 -4.98 -3.30
C ARG B 153 4.53 -4.95 -3.30
N ILE B 154 5.04 -4.97 -2.06
CA ILE B 154 6.15 -4.09 -1.66
C ILE B 154 7.43 -4.52 -2.37
N LEU B 155 7.67 -5.81 -2.57
CA LEU B 155 8.84 -6.29 -3.33
C LEU B 155 8.79 -5.76 -4.76
N ASN B 156 7.65 -5.90 -5.43
CA ASN B 156 7.46 -5.44 -6.82
C ASN B 156 7.71 -3.93 -6.89
N GLU B 157 7.05 -3.15 -6.02
CA GLU B 157 7.19 -1.67 -5.98
C GLU B 157 8.67 -1.31 -5.82
N THR B 158 9.33 -1.97 -4.87
CA THR B 158 10.71 -1.63 -4.46
C THR B 158 11.68 -2.02 -5.57
N GLY B 159 11.52 -3.20 -6.17
CA GLY B 159 12.44 -3.66 -7.25
C GLY B 159 12.34 -2.76 -8.46
N LYS B 160 11.14 -2.34 -8.84
CA LYS B 160 10.94 -1.45 -10.01
C LYS B 160 11.71 -0.15 -9.80
N ILE B 161 11.63 0.42 -8.61
CA ILE B 161 12.26 1.72 -8.28
C ILE B 161 13.77 1.53 -8.28
N LEU B 162 14.25 0.45 -7.65
N LEU B 162 14.27 0.44 -7.69
CA LEU B 162 15.71 0.13 -7.58
CA LEU B 162 15.73 0.23 -7.60
C LEU B 162 16.23 0.09 -9.02
C LEU B 162 16.29 0.00 -9.01
N LEU B 163 15.53 -0.65 -9.91
CA LEU B 163 15.96 -0.82 -11.32
C LEU B 163 15.96 0.55 -12.01
N GLU B 164 14.92 1.35 -11.81
CA GLU B 164 14.68 2.61 -12.58
C GLU B 164 15.66 3.71 -12.13
N LYS B 165 15.90 3.82 -10.81
CA LYS B 165 16.56 4.98 -10.18
C LYS B 165 17.99 4.66 -9.74
N PHE B 166 18.31 3.40 -9.42
CA PHE B 166 19.55 3.04 -8.67
C PHE B 166 20.32 1.91 -9.35
N GLY B 167 20.13 1.73 -10.67
CA GLY B 167 20.85 0.70 -11.45
C GLY B 167 20.70 -0.69 -10.86
N GLY B 168 19.58 -0.97 -10.18
CA GLY B 168 19.20 -2.30 -9.66
C GLY B 168 20.04 -2.75 -8.48
N SER B 169 20.70 -1.82 -7.74
CA SER B 169 21.48 -2.19 -6.55
C SER B 169 21.35 -1.15 -5.45
N PHE B 170 21.06 -1.62 -4.23
CA PHE B 170 20.98 -0.75 -3.04
C PHE B 170 22.38 -0.17 -2.73
N LEU B 171 23.44 -0.77 -3.23
CA LEU B 171 24.79 -0.23 -2.96
C LEU B 171 24.92 1.17 -3.61
N ASN B 172 24.25 1.39 -4.74
CA ASN B 172 24.23 2.72 -5.39
C ASN B 172 23.54 3.73 -4.48
N CYS B 173 22.48 3.36 -3.78
CA CYS B 173 21.82 4.27 -2.82
CA CYS B 173 21.80 4.24 -2.78
C CYS B 173 22.80 4.57 -1.65
N VAL B 174 23.49 3.56 -1.14
CA VAL B 174 24.43 3.75 0.01
C VAL B 174 25.53 4.73 -0.42
N ARG B 175 26.04 4.59 -1.65
CA ARG B 175 27.18 5.40 -2.16
C ARG B 175 26.72 6.86 -2.34
N GLU B 176 25.47 7.09 -2.76
CA GLU B 176 24.91 8.45 -2.90
C GLU B 176 24.77 9.14 -1.54
N SER B 177 24.72 8.38 -0.45
CA SER B 177 24.54 8.97 0.91
C SER B 177 25.85 9.60 1.42
N GLU B 178 26.97 9.36 0.74
CA GLU B 178 28.29 9.95 1.09
C GLU B 178 28.54 9.88 2.60
N ASN B 179 28.47 8.68 3.16
CA ASN B 179 28.86 8.39 4.56
C ASN B 179 28.00 9.17 5.54
N SER B 180 26.76 9.50 5.16
CA SER B 180 25.76 10.11 6.08
C SER B 180 24.57 9.17 6.28
N ALA B 181 24.38 8.69 7.50
CA ALA B 181 23.23 7.87 7.93
C ALA B 181 21.93 8.67 7.76
N GLN B 182 21.96 9.96 8.06
CA GLN B 182 20.74 10.82 7.89
C GLN B 182 20.40 10.93 6.40
N LYS B 183 21.40 11.15 5.57
CA LYS B 183 21.16 11.30 4.11
C LYS B 183 20.62 9.97 3.56
N LEU B 184 21.20 8.85 3.98
CA LEU B 184 20.70 7.52 3.53
C LEU B 184 19.25 7.34 3.95
N MET B 185 18.92 7.62 5.21
CA MET B 185 17.54 7.53 5.72
C MET B 185 16.61 8.36 4.81
N HIS B 186 16.96 9.60 4.52
CA HIS B 186 16.13 10.51 3.69
C HIS B 186 16.05 9.98 2.26
N LEU B 187 17.15 9.50 1.68
CA LEU B 187 17.13 8.96 0.29
C LEU B 187 16.12 7.82 0.22
N VAL B 188 16.10 6.96 1.23
CA VAL B 188 15.21 5.76 1.26
C VAL B 188 13.75 6.19 1.37
N VAL B 189 13.43 7.05 2.33
CA VAL B 189 12.03 7.48 2.56
C VAL B 189 11.52 8.22 1.33
N GLU B 190 12.34 9.07 0.73
N GLU B 190 12.34 9.09 0.73
CA GLU B 190 11.94 9.88 -0.46
CA GLU B 190 11.94 9.89 -0.46
C GLU B 190 11.80 8.98 -1.70
C GLU B 190 11.75 8.94 -1.66
N SER B 191 12.58 7.90 -1.79
CA SER B 191 12.62 7.03 -3.00
C SER B 191 11.58 5.90 -2.94
N PHE B 192 11.34 5.31 -1.77
CA PHE B 192 10.59 4.04 -1.65
C PHE B 192 9.33 4.28 -0.81
N PRO B 193 8.13 4.36 -1.44
CA PRO B 193 6.91 4.68 -0.71
C PRO B 193 6.63 3.82 0.53
N SER B 194 6.95 2.52 0.48
CA SER B 194 6.66 1.57 1.60
C SER B 194 7.40 1.98 2.87
N TYR B 195 8.43 2.84 2.77
CA TYR B 195 9.26 3.24 3.93
C TYR B 195 8.72 4.53 4.59
N ARG B 196 7.63 5.12 4.08
CA ARG B 196 7.10 6.43 4.56
C ARG B 196 6.29 6.20 5.85
N ASP B 197 7.01 5.88 6.93
CA ASP B 197 6.47 5.57 8.27
C ASP B 197 6.27 6.91 9.01
N VAL B 198 5.15 7.55 8.68
CA VAL B 198 4.76 8.92 9.10
C VAL B 198 3.26 8.87 9.38
N THR B 199 2.85 9.50 10.46
CA THR B 199 1.42 9.59 10.83
C THR B 199 1.12 10.99 11.36
N LEU B 200 -0.09 11.17 11.86
CA LEU B 200 -0.53 12.45 12.45
C LEU B 200 -0.60 12.31 13.96
N PHE B 201 -0.18 13.37 14.65
CA PHE B 201 -0.28 13.51 16.12
C PHE B 201 -0.39 15.00 16.49
N GLU B 202 -1.52 15.38 17.09
CA GLU B 202 -1.82 16.73 17.60
C GLU B 202 -1.36 17.82 16.61
N GLY B 203 -1.73 17.69 15.34
CA GLY B 203 -1.54 18.74 14.32
C GLY B 203 -0.15 18.74 13.71
N LYS B 204 0.66 17.73 13.99
CA LYS B 204 2.01 17.55 13.38
C LYS B 204 2.03 16.22 12.61
N ARG B 205 2.83 16.17 11.54
CA ARG B 205 3.22 14.92 10.88
C ARG B 205 4.43 14.39 11.67
N VAL B 206 4.24 13.32 12.42
CA VAL B 206 5.32 12.71 13.23
C VAL B 206 5.85 11.53 12.42
N SER B 207 7.17 11.35 12.44
CA SER B 207 7.87 10.27 11.70
C SER B 207 8.51 9.30 12.69
N PHE B 208 8.51 8.03 12.34
CA PHE B 208 9.23 6.97 13.11
C PHE B 208 10.31 6.35 12.22
N TYR B 209 9.99 6.12 10.96
CA TYR B 209 10.94 5.56 9.98
C TYR B 209 11.59 4.30 10.57
N LYS B 210 10.79 3.38 11.13
CA LYS B 210 11.32 2.12 11.73
C LYS B 210 12.15 1.36 10.68
N ARG B 211 11.57 1.09 9.51
CA ARG B 211 12.25 0.25 8.49
C ARG B 211 13.39 1.04 7.84
N ALA B 212 13.23 2.35 7.60
CA ALA B 212 14.30 3.17 6.97
C ALA B 212 15.53 3.21 7.90
N GLN B 213 15.32 3.43 9.18
CA GLN B 213 16.43 3.52 10.17
C GLN B 213 17.05 2.15 10.39
N ILE B 214 16.24 1.07 10.46
CA ILE B 214 16.85 -0.28 10.66
C ILE B 214 17.63 -0.65 9.40
N LEU B 215 17.18 -0.19 8.22
CA LEU B 215 17.94 -0.43 6.97
C LEU B 215 19.29 0.29 7.04
N VAL B 216 19.30 1.54 7.48
CA VAL B 216 20.59 2.27 7.65
C VAL B 216 21.48 1.51 8.66
N ALA B 217 20.92 1.13 9.81
CA ALA B 217 21.68 0.44 10.88
C ALA B 217 22.26 -0.88 10.36
N ASP B 218 21.47 -1.65 9.63
CA ASP B 218 21.86 -2.98 9.13
C ASP B 218 22.88 -2.83 8.01
N THR B 219 22.83 -1.70 7.28
CA THR B 219 23.85 -1.38 6.24
C THR B 219 25.19 -1.11 6.94
N TRP B 220 25.17 -0.27 7.95
CA TRP B 220 26.34 -0.02 8.85
C TRP B 220 26.89 -1.35 9.35
N SER B 221 26.00 -2.23 9.82
CA SER B 221 26.41 -3.50 10.46
C SER B 221 27.00 -4.47 9.43
N VAL B 222 26.37 -4.59 8.26
CA VAL B 222 26.83 -5.63 7.29
C VAL B 222 28.17 -5.17 6.68
N LEU B 223 28.41 -3.86 6.62
CA LEU B 223 29.68 -3.30 6.08
C LEU B 223 30.65 -3.03 7.23
N GLU B 224 30.31 -3.46 8.45
CA GLU B 224 31.22 -3.49 9.64
C GLU B 224 31.66 -2.06 10.01
N GLY B 225 30.82 -1.06 9.71
CA GLY B 225 31.09 0.36 9.98
C GLY B 225 32.20 0.95 9.16
N LYS B 226 32.59 0.29 8.07
CA LYS B 226 33.78 0.64 7.26
C LYS B 226 33.36 0.92 5.81
N GLY B 227 34.21 1.64 5.08
CA GLY B 227 34.04 1.88 3.63
C GLY B 227 32.75 2.63 3.35
N ASP B 228 31.92 2.07 2.47
CA ASP B 228 30.63 2.70 2.08
C ASP B 228 29.70 2.76 3.31
N GLY B 229 29.95 1.91 4.33
CA GLY B 229 29.14 1.80 5.54
C GLY B 229 29.76 2.51 6.73
N CYS B 230 30.83 3.27 6.52
CA CYS B 230 31.32 4.22 7.54
C CYS B 230 30.38 5.43 7.54
N PHE B 231 29.58 5.60 8.57
CA PHE B 231 28.63 6.74 8.66
C PHE B 231 29.12 7.64 9.79
N LYS B 232 29.49 8.87 9.45
CA LYS B 232 30.13 9.84 10.37
C LYS B 232 29.13 10.22 11.47
N ASP B 233 27.84 10.10 11.17
CA ASP B 233 26.69 10.50 12.03
C ASP B 233 25.86 9.29 12.46
N ILE B 234 26.45 8.10 12.59
CA ILE B 234 25.66 6.87 12.86
C ILE B 234 24.92 7.00 14.21
N SER B 235 25.47 7.81 15.14
CA SER B 235 24.90 8.05 16.49
CA SER B 235 24.88 8.01 16.48
C SER B 235 23.52 8.69 16.38
N SER B 236 23.23 9.36 15.25
CA SER B 236 22.00 10.13 15.04
C SER B 236 20.80 9.20 14.78
N ILE B 237 21.05 7.96 14.39
CA ILE B 237 19.95 6.98 14.15
C ILE B 237 19.36 6.63 15.51
N THR B 238 18.04 6.58 15.58
CA THR B 238 17.29 6.23 16.80
C THR B 238 17.03 4.72 16.83
N MET B 239 16.41 4.27 17.92
CA MET B 239 15.86 2.91 17.98
C MET B 239 14.77 2.78 16.89
N PHE B 240 14.49 1.53 16.56
CA PHE B 240 13.51 1.13 15.52
C PHE B 240 12.20 0.78 16.24
N ALA B 241 11.21 1.67 16.11
CA ALA B 241 10.00 1.65 16.94
C ALA B 241 9.06 0.55 16.42
N ASP B 242 9.13 -0.62 17.04
CA ASP B 242 8.35 -1.81 16.61
C ASP B 242 7.41 -2.21 17.76
N TYR B 243 6.96 -3.47 17.82
CA TYR B 243 6.10 -3.99 18.91
C TYR B 243 6.95 -4.74 19.96
N ARG B 244 8.11 -5.32 19.61
CA ARG B 244 8.94 -6.08 20.60
C ARG B 244 9.73 -5.14 21.53
N LEU B 245 10.25 -4.01 21.04
CA LEU B 245 11.08 -3.11 21.89
C LEU B 245 10.21 -2.50 23.01
N PRO B 246 9.02 -1.94 22.74
CA PRO B 246 8.20 -1.46 23.85
C PRO B 246 7.93 -2.53 24.90
N GLN B 247 7.68 -3.75 24.43
CA GLN B 247 7.33 -4.87 25.33
C GLN B 247 8.48 -5.11 26.31
N VAL B 248 9.73 -5.15 25.80
CA VAL B 248 10.90 -5.44 26.67
C VAL B 248 11.16 -4.21 27.56
N LEU B 249 10.94 -2.98 27.08
CA LEU B 249 11.12 -1.77 27.92
C LEU B 249 10.09 -1.76 29.07
N ALA B 250 8.86 -2.19 28.80
CA ALA B 250 7.81 -2.29 29.84
C ALA B 250 8.18 -3.42 30.82
N HIS B 251 8.71 -4.52 30.31
CA HIS B 251 9.15 -5.67 31.13
C HIS B 251 10.22 -5.21 32.12
N LEU B 252 11.13 -4.38 31.66
CA LEU B 252 12.30 -3.96 32.48
C LEU B 252 11.91 -2.74 33.32
N GLY B 253 10.72 -2.16 33.12
CA GLY B 253 10.18 -1.05 33.93
C GLY B 253 10.64 0.33 33.47
N ALA B 254 11.25 0.49 32.30
CA ALA B 254 11.60 1.81 31.73
C ALA B 254 10.35 2.49 31.14
N LEU B 255 9.38 1.67 30.75
CA LEU B 255 8.08 2.13 30.22
C LEU B 255 7.00 1.65 31.19
N LYS B 256 5.99 2.50 31.39
N LYS B 256 6.02 2.51 31.45
CA LYS B 256 4.81 2.23 32.22
CA LYS B 256 4.81 2.19 32.25
C LYS B 256 3.56 2.53 31.39
C LYS B 256 3.57 2.51 31.40
N TYR B 257 2.60 1.62 31.39
CA TYR B 257 1.29 1.80 30.72
C TYR B 257 0.22 2.10 31.77
N SER B 258 -0.75 2.95 31.41
CA SER B 258 -1.99 3.13 32.19
C SER B 258 -2.70 1.78 32.37
N ASP B 259 -3.51 1.66 33.42
CA ASP B 259 -4.35 0.44 33.65
C ASP B 259 -5.24 0.23 32.42
N ASP B 260 -5.79 1.30 31.84
CA ASP B 260 -6.67 1.26 30.64
C ASP B 260 -5.92 0.62 29.47
N LEU B 261 -4.70 1.06 29.21
CA LEU B 261 -3.93 0.56 28.04
C LEU B 261 -3.48 -0.87 28.34
N LEU B 262 -3.04 -1.17 29.56
CA LEU B 262 -2.60 -2.55 29.90
C LEU B 262 -3.78 -3.52 29.75
N LYS B 263 -4.99 -3.12 30.16
CA LYS B 263 -6.18 -4.01 30.04
C LYS B 263 -6.42 -4.28 28.55
N LYS B 264 -6.29 -3.27 27.69
CA LYS B 264 -6.42 -3.43 26.22
C LYS B 264 -5.37 -4.45 25.73
N LEU B 265 -4.12 -4.33 26.18
CA LEU B 265 -3.03 -5.23 25.75
C LEU B 265 -3.31 -6.67 26.19
N LEU B 266 -3.76 -6.84 27.43
CA LEU B 266 -4.09 -8.16 28.03
C LEU B 266 -5.29 -8.79 27.33
N LYS B 267 -6.22 -7.98 26.79
CA LYS B 267 -7.37 -8.53 26.01
C LYS B 267 -6.96 -8.85 24.57
N GLY B 268 -5.76 -8.43 24.16
CA GLY B 268 -5.25 -8.68 22.81
C GLY B 268 -6.04 -7.90 21.77
N GLU B 269 -6.52 -6.71 22.13
CA GLU B 269 -7.31 -5.82 21.24
C GLU B 269 -6.34 -5.22 20.21
N MET B 270 -6.68 -5.31 18.93
CA MET B 270 -5.81 -4.78 17.84
CA MET B 270 -5.80 -4.78 17.85
C MET B 270 -5.81 -3.25 17.92
N LEU B 271 -4.62 -2.66 17.82
CA LEU B 271 -4.47 -1.18 17.67
C LEU B 271 -4.36 -0.89 16.17
N SER B 272 -4.76 0.30 15.72
CA SER B 272 -4.61 0.70 14.30
C SER B 272 -3.41 1.64 14.16
N TYR B 273 -2.80 1.65 12.97
CA TYR B 273 -1.67 2.56 12.67
C TYR B 273 -2.17 4.00 12.85
N GLY B 274 -1.51 4.75 13.73
CA GLY B 274 -1.81 6.17 13.96
C GLY B 274 -2.86 6.39 15.04
N ASP B 275 -3.39 5.33 15.65
CA ASP B 275 -4.22 5.46 16.88
C ASP B 275 -3.38 6.19 17.93
N ARG B 276 -4.01 7.05 18.73
N ARG B 276 -3.99 7.03 18.76
CA ARG B 276 -3.29 7.82 19.77
CA ARG B 276 -3.20 7.86 19.72
C ARG B 276 -2.39 6.89 20.57
C ARG B 276 -2.39 6.93 20.65
N GLN B 277 -2.97 5.81 21.13
CA GLN B 277 -2.23 4.90 22.06
C GLN B 277 -1.08 4.20 21.34
N GLU B 278 -1.26 3.83 20.08
CA GLU B 278 -0.19 3.19 19.28
C GLU B 278 0.96 4.18 19.10
N VAL B 279 0.64 5.44 18.83
CA VAL B 279 1.66 6.50 18.62
C VAL B 279 2.38 6.74 19.94
N GLU B 280 1.64 6.74 21.06
CA GLU B 280 2.23 6.94 22.41
C GLU B 280 3.23 5.82 22.71
N ILE B 281 2.86 4.56 22.49
CA ILE B 281 3.78 3.41 22.72
C ILE B 281 5.03 3.63 21.87
N ARG B 282 4.88 3.89 20.58
CA ARG B 282 6.08 4.00 19.71
C ARG B 282 6.92 5.22 20.11
N GLY B 283 6.31 6.38 20.24
CA GLY B 283 7.02 7.64 20.51
C GLY B 283 7.73 7.58 21.85
N CYS B 284 7.04 7.07 22.87
CA CYS B 284 7.64 6.96 24.22
C CYS B 284 8.77 5.94 24.17
N SER B 285 8.62 4.83 23.44
CA SER B 285 9.69 3.80 23.33
CA SER B 285 9.70 3.81 23.38
C SER B 285 10.96 4.44 22.74
N LEU B 286 10.77 5.28 21.73
CA LEU B 286 11.92 5.87 20.99
C LEU B 286 12.63 6.85 21.91
N TRP B 287 11.88 7.72 22.57
CA TRP B 287 12.44 8.73 23.50
C TRP B 287 13.08 7.99 24.69
N CYS B 288 12.46 6.90 25.14
CA CYS B 288 13.00 6.05 26.22
C CYS B 288 14.42 5.57 25.88
N VAL B 289 14.66 5.01 24.70
CA VAL B 289 16.04 4.52 24.38
C VAL B 289 17.00 5.72 24.33
N GLU B 290 16.57 6.89 23.82
CA GLU B 290 17.44 8.10 23.85
C GLU B 290 17.88 8.36 25.29
N LEU B 291 16.97 8.26 26.27
CA LEU B 291 17.29 8.57 27.68
C LEU B 291 18.18 7.47 28.26
N ILE B 292 17.95 6.22 27.85
CA ILE B 292 18.79 5.09 28.31
C ILE B 292 20.20 5.30 27.75
N ARG B 293 20.29 5.68 26.48
CA ARG B 293 21.60 5.94 25.82
C ARG B 293 22.35 7.04 26.58
N ASP B 294 21.70 8.17 26.85
CA ASP B 294 22.30 9.31 27.59
C ASP B 294 22.80 8.79 28.95
N CYS B 295 21.94 8.08 29.67
CA CYS B 295 22.29 7.51 31.01
C CYS B 295 23.53 6.63 30.92
N LEU B 296 23.55 5.67 29.99
CA LEU B 296 24.67 4.72 29.82
C LEU B 296 25.99 5.47 29.58
N LEU B 297 25.97 6.47 28.70
CA LEU B 297 27.19 7.26 28.34
C LEU B 297 27.67 8.03 29.57
N GLU B 298 26.75 8.48 30.43
CA GLU B 298 27.08 9.21 31.69
C GLU B 298 27.75 8.24 32.66
N LEU B 299 27.18 7.04 32.82
CA LEU B 299 27.76 5.97 33.68
C LEU B 299 29.17 5.61 33.18
N ILE B 300 29.32 5.44 31.86
CA ILE B 300 30.60 5.02 31.23
C ILE B 300 31.67 6.08 31.55
N GLU B 301 31.32 7.35 31.40
CA GLU B 301 32.27 8.50 31.55
C GLU B 301 32.57 8.74 33.02
N GLN B 302 31.66 8.38 33.94
CA GLN B 302 31.85 8.49 35.42
C GLN B 302 32.76 7.36 35.92
N LYS B 303 32.49 6.13 35.47
CA LYS B 303 33.36 4.94 35.72
C LYS B 303 34.82 5.35 35.49
N GLY B 304 35.04 6.41 34.70
CA GLY B 304 36.37 6.97 34.40
C GLY B 304 37.05 6.12 33.36
N GLU B 305 36.24 5.52 32.48
CA GLU B 305 36.62 4.37 31.62
C GLU B 305 36.54 4.79 30.14
N LYS B 306 37.40 4.20 29.32
CA LYS B 306 37.55 4.49 27.87
C LYS B 306 37.00 3.29 27.10
N PRO B 307 35.69 3.26 26.74
CA PRO B 307 35.11 2.10 26.08
C PRO B 307 35.80 1.88 24.72
N ASN B 308 36.02 0.61 24.34
CA ASN B 308 36.74 0.26 23.08
C ASN B 308 35.90 0.70 21.88
N GLY B 309 34.56 0.66 22.01
CA GLY B 309 33.61 1.01 20.94
C GLY B 309 32.65 2.11 21.38
N GLU B 310 32.03 2.79 20.41
CA GLU B 310 31.11 3.93 20.65
C GLU B 310 29.68 3.40 20.72
N ILE B 311 29.10 3.41 21.92
CA ILE B 311 27.70 2.95 22.19
C ILE B 311 26.73 3.96 21.57
N ASN B 312 25.68 3.47 20.91
CA ASN B 312 24.65 4.32 20.30
C ASN B 312 23.29 3.61 20.39
N SER B 313 22.22 4.32 20.02
CA SER B 313 20.83 3.80 20.11
C SER B 313 20.65 2.54 19.25
N ILE B 314 21.31 2.44 18.10
CA ILE B 314 21.23 1.21 17.25
C ILE B 314 21.68 0.00 18.08
N LEU B 315 22.84 0.07 18.73
CA LEU B 315 23.39 -1.12 19.42
C LEU B 315 22.50 -1.49 20.62
N LEU B 316 21.96 -0.49 21.30
CA LEU B 316 21.04 -0.74 22.44
C LEU B 316 19.81 -1.46 21.89
N ASP B 317 19.29 -1.03 20.74
CA ASP B 317 18.10 -1.67 20.14
C ASP B 317 18.42 -3.13 19.78
N TYR B 318 19.52 -3.36 19.09
CA TYR B 318 19.98 -4.72 18.74
C TYR B 318 19.97 -5.61 19.97
N TYR B 319 20.57 -5.13 21.07
CA TYR B 319 20.70 -5.91 22.32
C TYR B 319 19.31 -6.23 22.89
N LEU B 320 18.47 -5.20 23.01
CA LEU B 320 17.14 -5.31 23.68
C LEU B 320 16.19 -6.15 22.83
N TRP B 321 16.30 -6.09 21.50
CA TRP B 321 15.47 -6.97 20.62
C TRP B 321 15.87 -8.44 20.84
N ASP B 322 17.17 -8.72 20.91
CA ASP B 322 17.67 -10.09 21.19
C ASP B 322 17.20 -10.53 22.58
N TYR B 323 17.28 -9.65 23.57
CA TYR B 323 16.80 -9.92 24.94
C TYR B 323 15.34 -10.37 24.87
N ALA B 324 14.51 -9.67 24.09
CA ALA B 324 13.05 -9.96 23.97
C ALA B 324 12.88 -11.38 23.43
N HIS B 325 13.63 -11.71 22.38
CA HIS B 325 13.67 -13.05 21.72
C HIS B 325 14.03 -14.11 22.76
N ASP B 326 15.01 -13.84 23.65
CA ASP B 326 15.62 -14.83 24.58
C ASP B 326 14.84 -14.94 25.90
N HIS B 327 13.99 -13.97 26.25
CA HIS B 327 13.24 -13.91 27.53
C HIS B 327 11.73 -13.83 27.25
N ARG B 328 11.33 -14.32 26.07
CA ARG B 328 9.95 -14.18 25.55
C ARG B 328 8.94 -14.74 26.57
N GLU B 329 9.27 -15.86 27.24
CA GLU B 329 8.30 -16.53 28.15
C GLU B 329 8.09 -15.66 29.41
N ASP B 330 9.09 -14.90 29.83
CA ASP B 330 9.08 -14.10 31.10
C ASP B 330 8.20 -12.86 30.95
N MET B 331 7.76 -12.54 29.72
CA MET B 331 7.16 -11.23 29.36
C MET B 331 5.64 -11.30 29.16
N LYS B 332 5.00 -12.46 29.37
CA LYS B 332 3.56 -12.69 29.03
C LYS B 332 2.66 -11.71 29.80
N GLY B 333 3.07 -11.29 31.01
CA GLY B 333 2.30 -10.42 31.91
C GLY B 333 2.10 -9.01 31.34
N ILE B 334 2.99 -8.56 30.46
CA ILE B 334 2.78 -7.31 29.69
C ILE B 334 2.95 -7.63 28.22
N PRO B 335 1.83 -7.87 27.51
CA PRO B 335 1.86 -8.17 26.08
C PRO B 335 2.47 -7.07 25.22
N PHE B 336 2.94 -7.46 24.05
CA PHE B 336 3.23 -6.52 22.95
C PHE B 336 1.87 -6.07 22.40
N HIS B 337 1.81 -4.83 21.92
CA HIS B 337 0.61 -4.31 21.22
C HIS B 337 0.50 -5.00 19.86
N ARG B 338 -0.72 -5.29 19.48
CA ARG B 338 -1.00 -6.05 18.23
C ARG B 338 -1.47 -5.06 17.18
N ILE B 339 -0.82 -5.09 16.02
CA ILE B 339 -1.13 -4.23 14.87
C ILE B 339 -0.78 -5.00 13.61
N ARG B 340 -1.58 -4.82 12.57
CA ARG B 340 -1.23 -5.32 11.22
C ARG B 340 -1.03 -4.11 10.29
N CYS B 341 0.23 -3.82 10.01
CA CYS B 341 0.61 -2.73 9.07
C CYS B 341 1.96 -3.08 8.42
N ILE B 342 2.31 -2.35 7.36
CA ILE B 342 3.52 -2.62 6.54
C ILE B 342 4.73 -1.92 7.15
N TYR B 343 4.54 -1.03 8.14
CA TYR B 343 5.64 -0.16 8.61
C TYR B 343 6.48 -0.90 9.66
N TYR B 344 5.87 -1.81 10.41
CA TYR B 344 6.56 -2.62 11.46
C TYR B 344 5.65 -3.77 11.85
C1 BTB C . -16.70 4.76 -20.00
O1 BTB C . -17.46 4.12 -21.01
C2 BTB C . -16.29 3.77 -18.92
C3 BTB C . -15.38 2.68 -19.53
O3 BTB C . -14.60 1.98 -18.56
C4 BTB C . -17.54 3.06 -18.38
O4 BTB C . -17.17 2.22 -17.30
N BTB C . -15.61 4.45 -17.74
C5 BTB C . -14.32 5.13 -18.12
C6 BTB C . -13.40 5.28 -16.95
O6 BTB C . -13.24 4.04 -16.28
C7 BTB C . -16.48 5.34 -16.91
C8 BTB C . -16.87 4.73 -15.58
O8 BTB C . -16.44 5.50 -14.49
C1 BTB D . 18.64 -8.43 13.70
O1 BTB D . 19.93 -8.63 13.15
C2 BTB D . 18.03 -7.12 13.21
C3 BTB D . 17.81 -7.20 11.69
O3 BTB D . 16.84 -6.28 11.19
C4 BTB D . 19.02 -5.98 13.48
O4 BTB D . 18.47 -4.74 13.07
N BTB D . 16.73 -6.81 13.94
C5 BTB D . 15.66 -7.80 13.67
C6 BTB D . 14.28 -7.23 13.89
O6 BTB D . 14.13 -5.99 13.21
C7 BTB D . 16.87 -6.50 15.41
C8 BTB D . 16.75 -5.03 15.76
O8 BTB D . 15.44 -4.70 16.21
#